data_5W48
#
_entry.id   5W48
#
_cell.length_a   74.970
_cell.length_b   109.490
_cell.length_c   126.420
_cell.angle_alpha   90.00
_cell.angle_beta   90.00
_cell.angle_gamma   90.00
#
_symmetry.space_group_name_H-M   'P 21 21 21'
#
loop_
_entity.id
_entity.type
_entity.pdbx_description
1 polymer 'Riboflavin Lyase'
2 non-polymer 'SULFATE ION'
3 water water
#
_entity_poly.entity_id   1
_entity_poly.type   'polypeptide(L)'
_entity_poly.pdbx_seq_one_letter_code
;GHMKGNTMKQLRFGLFENAQTNDSGTATWRHPDNQRHLFDTLDYWRNIAQICEDAGLDFVFLADAWGWADVNGERPDICD
VEGLDLPRLDPAIVAAALIASTTKLGLVMTGSTLLEQPYSFARRMASLDHLSKGRIGWNVVTTGTAETASAAFGVPMVAH
DDRYDMADDFMELVYKLWEGAWEPDALERDKQGRYADPAKVHRIDHEGPYFRSNGYGNTSYSPQGTPVLFQAGSSERGRQ
FGGRHGECIFLGGAPIPKLAEQVRAIRAEAVAEGRAADSIKLMAAFSCVIAPTHEEAVQKYQEVLDSQTPEVAVASYAWF
TGLDLSSYDPSTPMSELHTELSQTQVARFAGLTVGDVLADWHAHGVRTKPVVGTPEEVADAIVELAEGADLDGFLLTPVI
QPGSTIDFIEHVLPILRERGVAASGYDAPTLRERLLGTETPVLREDHPGAGYRAQSGALVG
;
_entity_poly.pdbx_strand_id   A,B
#
loop_
_chem_comp.id
_chem_comp.type
_chem_comp.name
_chem_comp.formula
SO4 non-polymer 'SULFATE ION' 'O4 S -2'
#
# COMPACT_ATOMS: atom_id res chain seq x y z
N LYS A 9 37.03 -3.33 3.62
CA LYS A 9 35.74 -2.76 3.23
C LYS A 9 34.89 -3.79 2.50
N GLN A 10 33.83 -4.25 3.17
CA GLN A 10 32.86 -5.14 2.54
C GLN A 10 31.85 -4.31 1.77
N LEU A 11 31.72 -4.60 0.48
CA LEU A 11 30.75 -3.92 -0.35
C LEU A 11 29.36 -4.48 -0.12
N ARG A 12 28.34 -3.63 -0.28
CA ARG A 12 26.95 -4.03 -0.24
C ARG A 12 26.42 -4.18 -1.67
N PHE A 13 25.45 -5.07 -1.85
CA PHE A 13 24.87 -5.31 -3.18
C PHE A 13 23.35 -5.30 -3.07
N GLY A 14 22.71 -4.57 -3.98
CA GLY A 14 21.27 -4.64 -4.10
C GLY A 14 20.90 -4.88 -5.55
N LEU A 15 19.65 -5.28 -5.76
CA LEU A 15 19.10 -5.56 -7.08
C LEU A 15 18.11 -4.47 -7.48
N PHE A 16 18.27 -3.95 -8.68
CA PHE A 16 17.35 -2.96 -9.26
C PHE A 16 16.24 -3.68 -10.00
N GLU A 17 14.99 -3.44 -9.61
CA GLU A 17 13.84 -4.02 -10.30
C GLU A 17 12.82 -2.93 -10.64
N ASN A 18 11.91 -3.30 -11.52
CA ASN A 18 10.81 -2.46 -11.96
C ASN A 18 9.57 -3.33 -12.00
N ALA A 19 8.46 -2.80 -11.51
CA ALA A 19 7.20 -3.57 -11.52
C ALA A 19 6.48 -3.38 -12.84
N GLN A 20 7.19 -3.70 -13.92
CA GLN A 20 6.65 -3.63 -15.27
C GLN A 20 7.64 -4.35 -16.16
N THR A 21 7.26 -4.55 -17.43
CA THR A 21 8.04 -5.43 -18.30
C THR A 21 9.35 -4.77 -18.73
N ASN A 22 9.27 -3.58 -19.30
CA ASN A 22 10.48 -2.92 -19.82
C ASN A 22 10.82 -1.69 -18.98
N ASP A 23 12.10 -1.32 -19.00
CA ASP A 23 12.54 -0.19 -18.19
C ASP A 23 13.65 0.57 -18.92
N SER A 24 13.76 1.86 -18.58
CA SER A 24 14.92 2.70 -18.88
C SER A 24 15.07 3.03 -20.36
N GLY A 25 13.99 3.00 -21.13
CA GLY A 25 14.07 3.30 -22.54
C GLY A 25 14.46 2.15 -23.43
N THR A 26 14.71 0.96 -22.88
CA THR A 26 14.95 -0.21 -23.72
C THR A 26 13.75 -1.15 -23.67
N ALA A 27 13.78 -2.18 -24.53
CA ALA A 27 12.66 -3.10 -24.63
C ALA A 27 13.20 -4.44 -25.12
N THR A 28 13.82 -5.19 -24.22
CA THR A 28 14.36 -6.50 -24.60
C THR A 28 13.43 -7.65 -24.19
N TRP A 29 12.15 -7.35 -23.99
CA TRP A 29 11.22 -8.36 -23.49
C TRP A 29 11.06 -9.54 -24.44
N ARG A 30 11.34 -9.37 -25.73
CA ARG A 30 11.19 -10.46 -26.69
C ARG A 30 12.32 -11.49 -26.60
N HIS A 31 13.39 -11.21 -25.88
CA HIS A 31 14.48 -12.17 -25.73
C HIS A 31 13.93 -13.47 -25.13
N PRO A 32 14.26 -14.63 -25.71
CA PRO A 32 13.64 -15.88 -25.22
C PRO A 32 13.84 -16.15 -23.74
N ASP A 33 14.92 -15.66 -23.11
CA ASP A 33 15.13 -15.95 -21.71
C ASP A 33 14.53 -14.89 -20.78
N ASN A 34 13.95 -13.82 -21.33
CA ASN A 34 13.40 -12.75 -20.48
C ASN A 34 12.04 -13.17 -19.94
N GLN A 35 11.85 -13.03 -18.63
CA GLN A 35 10.59 -13.42 -18.00
C GLN A 35 9.86 -12.27 -17.36
N ARG A 36 10.29 -11.03 -17.56
CA ARG A 36 9.57 -10.00 -16.80
C ARG A 36 8.27 -9.56 -17.49
N HIS A 37 7.89 -10.16 -18.62
CA HIS A 37 6.51 -10.02 -19.03
C HIS A 37 5.55 -10.60 -17.99
N LEU A 38 6.05 -11.39 -17.03
CA LEU A 38 5.25 -11.95 -15.95
C LEU A 38 5.26 -11.10 -14.68
N PHE A 39 5.63 -9.82 -14.80
CA PHE A 39 5.77 -8.96 -13.63
C PHE A 39 4.48 -8.84 -12.83
N ASP A 40 3.33 -9.10 -13.42
CA ASP A 40 2.08 -8.91 -12.69
C ASP A 40 1.59 -10.15 -11.97
N THR A 41 2.46 -11.16 -11.80
CA THR A 41 2.17 -12.35 -11.02
C THR A 41 3.05 -12.37 -9.78
N LEU A 42 2.49 -12.81 -8.66
CA LEU A 42 3.30 -12.84 -7.43
C LEU A 42 4.45 -13.83 -7.55
N ASP A 43 4.26 -14.92 -8.30
CA ASP A 43 5.32 -15.92 -8.44
C ASP A 43 6.58 -15.32 -9.06
N TYR A 44 6.44 -14.37 -9.98
CA TYR A 44 7.64 -13.72 -10.50
C TYR A 44 8.44 -13.10 -9.37
N TRP A 45 7.76 -12.37 -8.49
CA TRP A 45 8.43 -11.63 -7.44
C TRP A 45 8.94 -12.56 -6.34
N ARG A 46 8.17 -13.60 -6.02
CA ARG A 46 8.62 -14.58 -5.03
C ARG A 46 9.91 -15.24 -5.48
N ASN A 47 10.01 -15.59 -6.76
CA ASN A 47 11.22 -16.22 -7.29
C ASN A 47 12.42 -15.26 -7.22
N ILE A 48 12.23 -14.01 -7.68
CA ILE A 48 13.29 -13.00 -7.62
C ILE A 48 13.77 -12.81 -6.19
N ALA A 49 12.84 -12.68 -5.25
CA ALA A 49 13.19 -12.44 -3.86
C ALA A 49 13.96 -13.62 -3.26
N GLN A 50 13.53 -14.85 -3.57
CA GLN A 50 14.22 -16.01 -3.03
C GLN A 50 15.63 -16.16 -3.58
N ILE A 51 15.81 -15.89 -4.88
CA ILE A 51 17.16 -15.84 -5.47
C ILE A 51 18.04 -14.86 -4.71
N CYS A 52 17.55 -13.63 -4.50
CA CYS A 52 18.35 -12.62 -3.81
C CYS A 52 18.63 -12.99 -2.36
N GLU A 53 17.62 -13.50 -1.64
CA GLU A 53 17.80 -13.79 -0.23
C GLU A 53 18.71 -14.99 -0.02
N ASP A 54 18.59 -16.03 -0.86
CA ASP A 54 19.50 -17.16 -0.75
C ASP A 54 20.95 -16.76 -1.02
N ALA A 55 21.17 -15.73 -1.83
CA ALA A 55 22.53 -15.26 -2.07
C ALA A 55 23.02 -14.27 -1.03
N GLY A 56 22.17 -13.83 -0.11
CA GLY A 56 22.60 -12.81 0.83
C GLY A 56 22.71 -11.42 0.26
N LEU A 57 22.01 -11.12 -0.84
CA LEU A 57 21.97 -9.74 -1.32
C LEU A 57 21.32 -8.85 -0.26
N ASP A 58 21.77 -7.60 -0.18
CA ASP A 58 21.29 -6.75 0.92
C ASP A 58 19.85 -6.29 0.73
N PHE A 59 19.41 -6.07 -0.51
CA PHE A 59 18.05 -5.60 -0.72
C PHE A 59 17.66 -5.75 -2.19
N VAL A 60 16.35 -5.72 -2.41
CA VAL A 60 15.78 -5.51 -3.74
C VAL A 60 15.16 -4.13 -3.74
N PHE A 61 15.43 -3.36 -4.80
CA PHE A 61 14.94 -2.00 -4.93
C PHE A 61 13.92 -1.96 -6.06
N LEU A 62 12.69 -1.55 -5.75
CA LEU A 62 11.61 -1.41 -6.72
C LEU A 62 11.51 0.05 -7.16
N ALA A 63 11.91 0.33 -8.40
CA ALA A 63 11.66 1.65 -8.98
C ALA A 63 10.17 1.86 -9.22
N ASP A 64 9.82 3.07 -9.63
CA ASP A 64 8.42 3.38 -9.87
C ASP A 64 8.31 4.53 -10.87
N ALA A 65 7.12 4.65 -11.45
CA ALA A 65 6.80 5.71 -12.39
C ALA A 65 5.28 5.89 -12.34
N TRP A 66 4.83 7.11 -12.64
CA TRP A 66 3.40 7.41 -12.67
C TRP A 66 2.89 7.75 -14.05
N GLY A 67 3.76 8.23 -14.95
CA GLY A 67 3.36 8.72 -16.25
C GLY A 67 3.47 7.67 -17.34
N TRP A 68 3.52 8.15 -18.58
CA TRP A 68 3.57 7.29 -19.74
C TRP A 68 4.34 8.01 -20.84
N ALA A 69 4.52 7.32 -21.97
CA ALA A 69 5.36 7.83 -23.04
C ALA A 69 4.68 8.97 -23.78
N ASP A 70 5.49 9.97 -24.12
CA ASP A 70 5.03 11.15 -24.86
C ASP A 70 5.99 11.36 -26.02
N VAL A 71 5.57 10.95 -27.22
CA VAL A 71 6.35 11.16 -28.44
C VAL A 71 5.59 12.20 -29.27
N ASN A 72 6.08 13.44 -29.25
CA ASN A 72 5.49 14.52 -30.05
C ASN A 72 4.05 14.82 -29.62
N GLY A 73 3.81 14.84 -28.31
CA GLY A 73 2.49 15.19 -27.81
C GLY A 73 1.46 14.07 -27.81
N GLU A 74 1.82 12.86 -28.24
CA GLU A 74 0.88 11.75 -28.23
C GLU A 74 1.59 10.48 -27.74
N ARG A 75 0.80 9.41 -27.56
CA ARG A 75 1.32 8.11 -27.16
C ARG A 75 1.18 7.15 -28.32
N PRO A 76 2.24 6.91 -29.10
CA PRO A 76 2.09 6.17 -30.35
C PRO A 76 1.91 4.67 -30.13
N ASP A 77 1.42 4.01 -31.19
CA ASP A 77 1.07 2.59 -31.12
C ASP A 77 2.24 1.73 -30.64
N ILE A 78 3.47 2.08 -31.05
CA ILE A 78 4.63 1.27 -30.68
C ILE A 78 4.79 1.14 -29.16
N CYS A 79 4.25 2.08 -28.38
CA CYS A 79 4.33 1.96 -26.93
C CYS A 79 3.56 0.74 -26.43
N ASP A 80 2.43 0.42 -27.07
CA ASP A 80 1.69 -0.78 -26.71
C ASP A 80 2.27 -2.03 -27.39
N VAL A 81 2.69 -1.91 -28.64
CA VAL A 81 3.18 -3.08 -29.36
C VAL A 81 4.44 -3.63 -28.70
N GLU A 82 5.26 -2.76 -28.11
CA GLU A 82 6.49 -3.17 -27.45
C GLU A 82 6.45 -2.98 -25.94
N GLY A 83 5.31 -2.59 -25.37
CA GLY A 83 5.19 -2.39 -23.95
C GLY A 83 6.26 -1.48 -23.38
N LEU A 84 6.43 -0.30 -23.97
CA LEU A 84 7.57 0.54 -23.62
C LEU A 84 7.40 1.19 -22.25
N ASP A 85 6.16 1.50 -21.86
CA ASP A 85 5.95 2.37 -20.70
C ASP A 85 4.95 1.78 -19.71
N LEU A 86 4.01 0.99 -20.21
CA LEU A 86 2.83 0.55 -19.45
C LEU A 86 2.49 -0.89 -19.84
N PRO A 87 1.78 -1.62 -18.98
CA PRO A 87 1.26 -1.26 -17.65
C PRO A 87 2.28 -1.53 -16.55
N ARG A 88 1.92 -1.23 -15.30
CA ARG A 88 2.82 -1.46 -14.18
C ARG A 88 2.00 -1.74 -12.92
N LEU A 89 2.69 -2.11 -11.85
CA LEU A 89 2.04 -2.26 -10.55
C LEU A 89 2.57 -1.24 -9.55
N ASP A 90 1.82 -1.08 -8.46
CA ASP A 90 2.25 -0.26 -7.32
C ASP A 90 3.36 -0.94 -6.54
N PRO A 91 4.55 -0.34 -6.39
CA PRO A 91 5.64 -1.04 -5.70
C PRO A 91 5.41 -1.28 -4.22
N ALA A 92 4.65 -0.45 -3.52
CA ALA A 92 4.43 -0.70 -2.10
C ALA A 92 3.66 -2.01 -1.90
N ILE A 93 2.72 -2.31 -2.81
CA ILE A 93 1.98 -3.56 -2.74
C ILE A 93 2.89 -4.75 -3.01
N VAL A 94 3.72 -4.67 -4.05
CA VAL A 94 4.71 -5.72 -4.31
C VAL A 94 5.60 -5.89 -3.09
N ALA A 95 6.10 -4.78 -2.53
CA ALA A 95 6.99 -4.86 -1.37
C ALA A 95 6.29 -5.53 -0.20
N ALA A 96 5.04 -5.16 0.07
CA ALA A 96 4.32 -5.76 1.18
C ALA A 96 4.11 -7.25 0.96
N ALA A 97 3.81 -7.65 -0.28
CA ALA A 97 3.60 -9.07 -0.54
C ALA A 97 4.90 -9.86 -0.35
N LEU A 98 6.05 -9.24 -0.65
CA LEU A 98 7.33 -9.92 -0.47
C LEU A 98 7.74 -10.04 0.99
N ILE A 99 7.15 -9.25 1.90
CA ILE A 99 7.44 -9.40 3.32
C ILE A 99 7.15 -10.81 3.78
N ALA A 100 6.07 -11.40 3.27
CA ALA A 100 5.63 -12.68 3.78
C ALA A 100 6.55 -13.83 3.37
N SER A 101 7.29 -13.69 2.27
CA SER A 101 8.14 -14.80 1.83
C SER A 101 9.63 -14.58 2.09
N THR A 102 9.99 -13.50 2.79
CA THR A 102 11.39 -13.24 3.10
C THR A 102 11.54 -13.01 4.59
N THR A 103 12.78 -13.12 5.08
CA THR A 103 13.00 -12.86 6.50
C THR A 103 14.11 -11.84 6.73
N LYS A 104 15.13 -11.79 5.85
CA LYS A 104 16.23 -10.86 6.04
C LYS A 104 16.40 -9.85 4.91
N LEU A 105 15.96 -10.20 3.69
CA LEU A 105 16.16 -9.33 2.53
C LEU A 105 15.54 -7.94 2.75
N GLY A 106 16.31 -6.89 2.47
CA GLY A 106 15.77 -5.55 2.49
C GLY A 106 14.87 -5.28 1.29
N LEU A 107 13.91 -4.39 1.49
CA LEU A 107 12.92 -4.07 0.46
C LEU A 107 12.85 -2.55 0.35
N VAL A 108 13.24 -2.03 -0.81
CA VAL A 108 13.38 -0.59 -1.02
C VAL A 108 12.43 -0.19 -2.13
N MET A 109 11.68 0.88 -1.92
CA MET A 109 10.71 1.28 -2.92
C MET A 109 10.76 2.77 -3.16
N THR A 110 10.52 3.14 -4.41
CA THR A 110 10.38 4.54 -4.79
C THR A 110 9.06 5.09 -4.26
N GLY A 111 9.09 6.33 -3.76
CA GLY A 111 7.91 7.07 -3.40
C GLY A 111 8.10 8.54 -3.73
N SER A 112 7.09 9.16 -4.35
CA SER A 112 7.23 10.50 -4.91
C SER A 112 6.77 11.57 -3.91
N THR A 113 7.66 12.52 -3.61
CA THR A 113 7.21 13.66 -2.80
C THR A 113 6.31 14.59 -3.59
N LEU A 114 6.26 14.47 -4.91
CA LEU A 114 5.43 15.37 -5.70
C LEU A 114 3.97 14.95 -5.70
N LEU A 115 3.68 13.68 -5.45
CA LEU A 115 2.35 13.12 -5.66
C LEU A 115 1.77 12.41 -4.45
N GLU A 116 2.60 11.98 -3.49
CA GLU A 116 2.08 11.32 -2.29
C GLU A 116 1.56 12.35 -1.29
N GLN A 117 0.54 11.94 -0.52
CA GLN A 117 0.12 12.71 0.65
C GLN A 117 0.97 12.27 1.84
N PRO A 118 1.75 13.17 2.45
CA PRO A 118 2.72 12.73 3.47
C PRO A 118 2.12 11.97 4.66
N TYR A 119 0.90 12.32 5.10
CA TYR A 119 0.35 11.66 6.28
C TYR A 119 0.02 10.20 6.00
N SER A 120 -0.64 9.92 4.86
CA SER A 120 -0.92 8.54 4.52
C SER A 120 0.35 7.81 4.12
N PHE A 121 1.30 8.52 3.50
CA PHE A 121 2.54 7.88 3.10
C PHE A 121 3.33 7.43 4.31
N ALA A 122 3.39 8.29 5.35
CA ALA A 122 4.13 7.94 6.55
C ALA A 122 3.53 6.71 7.23
N ARG A 123 2.20 6.64 7.29
CA ARG A 123 1.56 5.48 7.89
C ARG A 123 1.85 4.21 7.09
N ARG A 124 1.84 4.32 5.77
CA ARG A 124 2.07 3.15 4.91
C ARG A 124 3.49 2.61 5.08
N MET A 125 4.49 3.50 4.99
CA MET A 125 5.88 3.08 5.13
C MET A 125 6.17 2.54 6.53
N ALA A 126 5.63 3.17 7.57
CA ALA A 126 5.82 2.65 8.93
C ALA A 126 5.16 1.28 9.12
N SER A 127 4.03 1.04 8.44
CA SER A 127 3.38 -0.28 8.50
C SER A 127 4.24 -1.35 7.84
N LEU A 128 4.84 -1.02 6.69
CA LEU A 128 5.81 -1.92 6.07
C LEU A 128 6.98 -2.20 7.02
N ASP A 129 7.45 -1.17 7.74
CA ASP A 129 8.61 -1.36 8.60
C ASP A 129 8.26 -2.20 9.84
N HIS A 130 7.07 -2.01 10.43
CA HIS A 130 6.60 -2.89 11.50
C HIS A 130 6.51 -4.33 11.04
N LEU A 131 5.80 -4.58 9.95
CA LEU A 131 5.56 -5.95 9.52
C LEU A 131 6.85 -6.64 9.09
N SER A 132 7.80 -5.91 8.49
CA SER A 132 9.04 -6.52 8.03
C SER A 132 10.10 -6.61 9.11
N LYS A 133 9.84 -6.05 10.30
CA LYS A 133 10.84 -5.97 11.38
C LYS A 133 12.08 -5.19 10.93
N GLY A 134 11.86 -4.06 10.25
CA GLY A 134 12.94 -3.12 10.04
C GLY A 134 13.74 -3.35 8.78
N ARG A 135 13.07 -3.79 7.71
CA ARG A 135 13.78 -4.12 6.48
C ARG A 135 13.49 -3.16 5.33
N ILE A 136 12.89 -2.00 5.60
CA ILE A 136 12.33 -1.13 4.55
C ILE A 136 13.27 0.01 4.20
N GLY A 137 13.35 0.33 2.91
CA GLY A 137 13.98 1.57 2.46
C GLY A 137 13.05 2.34 1.55
N TRP A 138 13.33 3.65 1.43
CA TRP A 138 12.53 4.55 0.61
C TRP A 138 13.45 5.31 -0.33
N ASN A 139 13.25 5.14 -1.63
CA ASN A 139 13.96 5.94 -2.63
C ASN A 139 13.15 7.22 -2.85
N VAL A 140 13.67 8.33 -2.35
CA VAL A 140 12.94 9.61 -2.35
C VAL A 140 13.03 10.22 -3.74
N VAL A 141 11.91 10.30 -4.46
CA VAL A 141 11.94 10.91 -5.79
C VAL A 141 11.09 12.17 -5.78
N THR A 142 11.54 13.15 -6.55
CA THR A 142 10.89 14.46 -6.60
C THR A 142 10.50 14.88 -8.01
N THR A 143 11.05 14.24 -9.04
CA THR A 143 10.91 14.72 -10.41
C THR A 143 10.12 13.69 -11.20
N GLY A 144 10.76 12.74 -11.85
CA GLY A 144 10.08 11.86 -12.79
C GLY A 144 10.06 12.47 -14.19
N THR A 145 8.87 12.48 -14.81
CA THR A 145 8.60 13.22 -16.02
C THR A 145 7.34 14.06 -15.86
N ALA A 146 6.64 13.91 -14.73
CA ALA A 146 5.78 14.91 -14.10
C ALA A 146 4.65 15.45 -14.97
N GLU A 147 4.90 15.70 -16.26
CA GLU A 147 3.87 16.34 -17.09
C GLU A 147 2.68 15.42 -17.31
N THR A 148 2.93 14.16 -17.66
CA THR A 148 1.83 13.22 -17.80
C THR A 148 1.24 12.87 -16.44
N ALA A 149 2.09 12.64 -15.44
CA ALA A 149 1.60 12.21 -14.14
C ALA A 149 0.69 13.26 -13.52
N SER A 150 0.98 14.54 -13.74
CA SER A 150 0.15 15.59 -13.15
C SER A 150 -1.24 15.61 -13.75
N ALA A 151 -1.36 15.48 -15.08
CA ALA A 151 -2.67 15.39 -15.71
C ALA A 151 -3.47 14.15 -15.27
N ALA A 152 -2.78 13.06 -14.93
CA ALA A 152 -3.47 11.88 -14.42
C ALA A 152 -4.11 12.15 -13.06
N PHE A 153 -3.46 12.96 -12.23
CA PHE A 153 -3.96 13.27 -10.91
C PHE A 153 -4.87 14.48 -10.90
N GLY A 154 -5.01 15.17 -12.03
CA GLY A 154 -5.78 16.39 -12.07
C GLY A 154 -5.18 17.53 -11.27
N VAL A 155 -3.87 17.55 -11.07
CA VAL A 155 -3.22 18.58 -10.25
C VAL A 155 -2.34 19.45 -11.14
N PRO A 156 -2.06 20.69 -10.74
CA PRO A 156 -1.20 21.55 -11.55
C PRO A 156 0.26 21.14 -11.50
N MET A 157 0.98 21.44 -12.57
CA MET A 157 2.43 21.27 -12.60
C MET A 157 3.10 22.11 -11.52
N VAL A 158 4.08 21.53 -10.84
CA VAL A 158 4.93 22.26 -9.91
C VAL A 158 6.23 22.57 -10.62
N ALA A 159 6.63 23.85 -10.63
CA ALA A 159 7.83 24.25 -11.35
C ALA A 159 9.02 23.44 -10.89
N HIS A 160 9.91 23.12 -11.83
CA HIS A 160 11.08 22.33 -11.50
C HIS A 160 11.90 22.98 -10.40
N ASP A 161 11.93 24.31 -10.35
CA ASP A 161 12.72 24.99 -9.33
C ASP A 161 12.10 24.90 -7.94
N ASP A 162 10.84 24.44 -7.83
CA ASP A 162 10.15 24.30 -6.54
C ASP A 162 10.00 22.85 -6.09
N ARG A 163 10.26 21.88 -6.95
CA ARG A 163 10.00 20.48 -6.58
C ARG A 163 10.86 20.05 -5.40
N TYR A 164 12.10 20.54 -5.32
CA TYR A 164 12.96 20.15 -4.21
C TYR A 164 12.62 20.92 -2.93
N ASP A 165 12.05 22.14 -3.06
CA ASP A 165 11.50 22.80 -1.89
C ASP A 165 10.28 22.07 -1.37
N MET A 166 9.45 21.55 -2.27
CA MET A 166 8.33 20.75 -1.81
C MET A 166 8.83 19.46 -1.15
N ALA A 167 9.88 18.85 -1.72
CA ALA A 167 10.43 17.64 -1.11
C ALA A 167 11.01 17.92 0.28
N ASP A 168 11.70 19.06 0.46
CA ASP A 168 12.19 19.44 1.79
C ASP A 168 11.04 19.53 2.81
N ASP A 169 9.95 20.19 2.43
CA ASP A 169 8.78 20.29 3.29
C ASP A 169 8.17 18.92 3.56
N PHE A 170 8.13 18.05 2.54
CA PHE A 170 7.65 16.69 2.71
C PHE A 170 8.48 15.94 3.76
N MET A 171 9.81 16.02 3.66
CA MET A 171 10.69 15.33 4.60
C MET A 171 10.45 15.80 6.03
N GLU A 172 10.33 17.10 6.24
CA GLU A 172 10.13 17.61 7.60
C GLU A 172 8.89 16.99 8.22
N LEU A 173 7.81 16.86 7.44
CA LEU A 173 6.57 16.31 8.00
C LEU A 173 6.72 14.82 8.32
N VAL A 174 7.29 14.03 7.39
CA VAL A 174 7.38 12.59 7.68
C VAL A 174 8.36 12.32 8.83
N TYR A 175 9.41 13.16 8.98
CA TYR A 175 10.28 13.05 10.16
C TYR A 175 9.49 13.28 11.45
N LYS A 176 8.63 14.29 11.46
CA LYS A 176 7.79 14.50 12.63
C LYS A 176 6.94 13.27 12.93
N LEU A 177 6.34 12.67 11.89
CA LEU A 177 5.46 11.53 12.11
C LEU A 177 6.25 10.28 12.51
N TRP A 178 7.46 10.08 11.95
CA TRP A 178 8.19 8.85 12.22
C TRP A 178 8.99 8.94 13.52
N GLU A 179 9.56 10.11 13.81
CA GLU A 179 10.48 10.25 14.93
C GLU A 179 9.92 11.07 16.08
N GLY A 180 8.98 11.97 15.83
CA GLY A 180 8.55 12.90 16.86
C GLY A 180 7.23 12.59 17.54
N ALA A 181 6.38 11.77 16.92
CA ALA A 181 5.02 11.53 17.39
C ALA A 181 4.94 10.42 18.44
N TRP A 182 5.77 9.38 18.33
CA TRP A 182 5.77 8.26 19.26
C TRP A 182 7.22 7.99 19.66
N GLU A 183 7.50 8.02 20.96
CA GLU A 183 8.84 7.69 21.41
C GLU A 183 9.09 6.18 21.27
N PRO A 184 10.36 5.77 21.09
CA PRO A 184 10.64 4.37 20.74
C PRO A 184 10.08 3.36 21.70
N ASP A 185 10.02 3.69 22.99
CA ASP A 185 9.52 2.76 23.99
C ASP A 185 8.13 3.13 24.50
N ALA A 186 7.32 3.83 23.70
CA ALA A 186 6.01 4.27 24.19
C ALA A 186 5.06 3.11 24.42
N LEU A 187 5.13 2.08 23.58
CA LEU A 187 4.25 0.93 23.74
C LEU A 187 4.79 0.01 24.82
N GLU A 188 3.95 -0.33 25.79
CA GLU A 188 4.31 -1.27 26.85
C GLU A 188 3.52 -2.57 26.79
N ARG A 189 2.21 -2.49 26.56
CA ARG A 189 1.34 -3.65 26.32
C ARG A 189 1.44 -4.67 27.46
N ASP A 190 1.48 -4.16 28.68
CA ASP A 190 1.46 -5.01 29.87
C ASP A 190 0.02 -5.12 30.35
N LYS A 191 -0.58 -6.31 30.23
CA LYS A 191 -1.99 -6.50 30.57
C LYS A 191 -2.29 -6.19 32.04
N GLN A 192 -1.29 -6.31 32.91
CA GLN A 192 -1.44 -5.88 34.30
C GLN A 192 -0.89 -4.48 34.54
N GLY A 193 -0.44 -3.80 33.50
CA GLY A 193 0.11 -2.46 33.65
C GLY A 193 -0.57 -1.47 32.73
N ARG A 194 0.22 -0.85 31.84
CA ARG A 194 -0.28 0.09 30.84
C ARG A 194 -0.14 -0.49 29.43
N TYR A 195 -1.06 -0.09 28.55
CA TYR A 195 -0.87 -0.33 27.12
C TYR A 195 0.26 0.52 26.58
N ALA A 196 0.18 1.83 26.77
CA ALA A 196 1.20 2.76 26.31
C ALA A 196 1.42 3.82 27.38
N ASP A 197 2.62 4.39 27.41
CA ASP A 197 2.90 5.49 28.33
C ASP A 197 2.41 6.79 27.70
N PRO A 198 1.36 7.41 28.24
CA PRO A 198 0.83 8.64 27.62
C PRO A 198 1.83 9.78 27.53
N ALA A 199 2.84 9.79 28.40
CA ALA A 199 3.84 10.83 28.33
C ALA A 199 4.77 10.67 27.12
N LYS A 200 4.69 9.55 26.40
CA LYS A 200 5.58 9.33 25.26
C LYS A 200 4.83 9.32 23.93
N VAL A 201 3.59 9.81 23.93
CA VAL A 201 2.78 9.93 22.72
C VAL A 201 2.46 11.41 22.55
N HIS A 202 2.83 11.97 21.40
CA HIS A 202 2.82 13.41 21.21
C HIS A 202 2.03 13.82 19.99
N ARG A 203 1.34 14.94 20.11
CA ARG A 203 0.74 15.60 18.96
C ARG A 203 1.85 16.24 18.15
N ILE A 204 1.74 16.24 16.82
CA ILE A 204 2.69 16.99 16.01
C ILE A 204 2.01 18.24 15.48
N ASP A 205 2.84 19.18 15.03
CA ASP A 205 2.38 20.44 14.50
C ASP A 205 3.29 20.82 13.34
N HIS A 206 2.71 20.98 12.16
CA HIS A 206 3.50 21.30 10.98
C HIS A 206 2.72 22.24 10.09
N GLU A 207 3.34 23.35 9.71
CA GLU A 207 2.72 24.32 8.81
C GLU A 207 3.81 24.79 7.85
N GLY A 208 3.89 24.14 6.69
CA GLY A 208 4.91 24.46 5.73
C GLY A 208 4.34 25.11 4.49
N PRO A 209 5.20 25.44 3.53
CA PRO A 209 4.70 26.07 2.29
C PRO A 209 3.83 25.15 1.45
N TYR A 210 3.98 23.83 1.59
CA TYR A 210 3.25 22.89 0.75
C TYR A 210 2.38 21.91 1.53
N PHE A 211 2.69 21.65 2.80
CA PHE A 211 1.98 20.66 3.58
C PHE A 211 1.68 21.22 4.97
N ARG A 212 0.58 20.75 5.54
CA ARG A 212 0.18 21.13 6.87
C ARG A 212 -0.37 19.90 7.57
N SER A 213 -0.11 19.79 8.87
CA SER A 213 -0.60 18.65 9.65
C SER A 213 -0.60 19.05 11.11
N ASN A 214 -1.66 18.67 11.81
CA ASN A 214 -1.82 18.94 13.24
C ASN A 214 -2.51 17.73 13.85
N GLY A 215 -1.89 17.14 14.86
CA GLY A 215 -2.53 16.06 15.56
C GLY A 215 -1.61 14.89 15.73
N TYR A 216 -2.20 13.72 15.96
CA TYR A 216 -1.41 12.55 16.31
C TYR A 216 -1.04 11.76 15.07
N GLY A 217 0.01 10.94 15.19
CA GLY A 217 0.38 10.02 14.13
C GLY A 217 -0.29 8.66 14.31
N ASN A 218 -0.64 8.02 13.21
CA ASN A 218 -1.36 6.75 13.31
C ASN A 218 -0.46 5.63 13.82
N THR A 219 0.80 5.61 13.41
CA THR A 219 1.66 4.47 13.66
C THR A 219 2.66 4.79 14.76
N SER A 220 2.90 3.81 15.64
CA SER A 220 3.90 4.00 16.67
C SER A 220 5.30 3.80 16.09
N TYR A 221 6.30 3.97 16.94
CA TYR A 221 7.70 3.97 16.48
C TYR A 221 8.08 2.60 15.93
N SER A 222 8.52 2.57 14.67
CA SER A 222 8.79 1.31 13.98
C SER A 222 10.23 0.87 14.25
N PRO A 223 10.59 -0.38 13.90
CA PRO A 223 11.93 -0.88 14.28
C PRO A 223 13.10 0.00 13.84
N GLN A 224 13.05 0.57 12.65
CA GLN A 224 14.08 1.49 12.17
C GLN A 224 13.74 2.95 12.42
N GLY A 225 12.52 3.25 12.85
CA GLY A 225 12.05 4.63 13.00
C GLY A 225 11.67 5.26 11.67
N THR A 226 12.69 5.56 10.88
CA THR A 226 12.59 6.10 9.54
C THR A 226 13.14 5.04 8.58
N PRO A 227 12.50 4.74 7.46
CA PRO A 227 13.08 3.81 6.51
C PRO A 227 14.43 4.31 6.02
N VAL A 228 15.30 3.38 5.59
CA VAL A 228 16.58 3.81 5.03
C VAL A 228 16.31 4.71 3.82
N LEU A 229 16.95 5.87 3.80
CA LEU A 229 16.67 6.87 2.78
C LEU A 229 17.65 6.75 1.63
N PHE A 230 17.13 6.41 0.45
CA PHE A 230 17.90 6.36 -0.79
C PHE A 230 17.57 7.59 -1.64
N GLN A 231 18.52 7.96 -2.50
CA GLN A 231 18.29 9.16 -3.29
C GLN A 231 19.17 9.08 -4.52
N ALA A 232 18.67 9.55 -5.65
CA ALA A 232 19.47 9.47 -6.87
C ALA A 232 19.45 10.73 -7.72
N GLY A 233 18.90 11.84 -7.24
CA GLY A 233 18.93 13.07 -8.02
C GLY A 233 20.35 13.47 -8.38
N SER A 234 20.55 13.88 -9.64
CA SER A 234 21.87 14.22 -10.15
C SER A 234 22.06 15.72 -10.46
N SER A 235 20.99 16.50 -10.56
CA SER A 235 21.13 17.94 -10.68
C SER A 235 21.88 18.52 -9.48
N GLU A 236 22.30 19.78 -9.60
CA GLU A 236 22.96 20.43 -8.48
C GLU A 236 22.05 20.47 -7.25
N ARG A 237 20.78 20.85 -7.44
CA ARG A 237 19.84 20.87 -6.32
C ARG A 237 19.61 19.46 -5.78
N GLY A 238 19.52 18.49 -6.68
CA GLY A 238 19.30 17.11 -6.26
C GLY A 238 20.43 16.56 -5.41
N ARG A 239 21.68 16.90 -5.77
CA ARG A 239 22.82 16.45 -4.97
C ARG A 239 22.85 17.12 -3.61
N GLN A 240 22.40 18.36 -3.51
CA GLN A 240 22.27 19.00 -2.20
C GLN A 240 21.22 18.29 -1.36
N PHE A 241 20.09 17.94 -1.97
CA PHE A 241 19.05 17.20 -1.24
C PHE A 241 19.59 15.87 -0.74
N GLY A 242 20.31 15.14 -1.59
CA GLY A 242 20.87 13.86 -1.17
C GLY A 242 21.92 13.99 -0.09
N GLY A 243 22.76 15.03 -0.18
CA GLY A 243 23.78 15.24 0.84
C GLY A 243 23.17 15.55 2.20
N ARG A 244 21.98 16.14 2.22
CA ARG A 244 21.32 16.47 3.48
C ARG A 244 20.53 15.28 4.05
N HIS A 245 19.76 14.59 3.21
CA HIS A 245 18.81 13.57 3.66
C HIS A 245 19.20 12.14 3.31
N GLY A 246 19.96 11.94 2.24
CA GLY A 246 20.18 10.58 1.78
C GLY A 246 21.16 9.84 2.67
N GLU A 247 20.84 8.59 2.97
CA GLU A 247 21.81 7.69 3.59
C GLU A 247 22.56 6.85 2.56
N CYS A 248 21.90 6.49 1.47
CA CYS A 248 22.53 5.76 0.38
C CYS A 248 22.19 6.49 -0.91
N ILE A 249 23.22 6.88 -1.66
CA ILE A 249 23.05 7.63 -2.91
C ILE A 249 23.34 6.69 -4.07
N PHE A 250 22.40 6.59 -5.03
CA PHE A 250 22.59 5.79 -6.23
C PHE A 250 23.19 6.66 -7.32
N LEU A 251 24.31 6.20 -7.88
CA LEU A 251 24.97 6.87 -8.99
C LEU A 251 24.77 6.05 -10.27
N GLY A 252 24.46 6.73 -11.37
CA GLY A 252 24.36 6.06 -12.64
C GLY A 252 25.75 5.77 -13.22
N GLY A 253 25.77 5.04 -14.34
CA GLY A 253 27.04 4.64 -14.91
C GLY A 253 27.84 5.83 -15.41
N ALA A 254 29.14 5.78 -15.17
CA ALA A 254 30.08 6.76 -15.70
C ALA A 254 31.47 6.16 -15.64
N PRO A 255 32.41 6.67 -16.43
CA PRO A 255 33.80 6.23 -16.27
C PRO A 255 34.30 6.42 -14.84
N ILE A 256 35.24 5.54 -14.43
CA ILE A 256 35.80 5.60 -13.08
C ILE A 256 36.24 7.01 -12.66
N PRO A 257 37.01 7.75 -13.45
CA PRO A 257 37.40 9.10 -12.99
C PRO A 257 36.22 10.02 -12.77
N LYS A 258 35.13 9.85 -13.52
CA LYS A 258 33.97 10.71 -13.27
C LYS A 258 33.19 10.27 -12.05
N LEU A 259 33.02 8.96 -11.86
CA LEU A 259 32.40 8.46 -10.64
C LEU A 259 33.19 8.90 -9.41
N ALA A 260 34.51 8.84 -9.50
CA ALA A 260 35.33 9.21 -8.34
C ALA A 260 35.10 10.66 -7.94
N GLU A 261 34.94 11.55 -8.93
CA GLU A 261 34.66 12.95 -8.63
C GLU A 261 33.26 13.14 -8.07
N GLN A 262 32.28 12.40 -8.60
CA GLN A 262 30.93 12.49 -8.04
C GLN A 262 30.90 12.03 -6.60
N VAL A 263 31.59 10.93 -6.28
CA VAL A 263 31.64 10.43 -4.91
C VAL A 263 32.31 11.46 -3.99
N ARG A 264 33.46 12.00 -4.43
CA ARG A 264 34.14 13.02 -3.64
C ARG A 264 33.22 14.21 -3.38
N ALA A 265 32.52 14.69 -4.41
CA ALA A 265 31.63 15.83 -4.23
C ALA A 265 30.49 15.51 -3.26
N ILE A 266 29.95 14.30 -3.32
CA ILE A 266 28.81 13.98 -2.46
C ILE A 266 29.27 13.85 -1.01
N ARG A 267 30.44 13.24 -0.78
CA ARG A 267 30.98 13.19 0.57
C ARG A 267 31.28 14.59 1.11
N ALA A 268 31.78 15.48 0.24
CA ALA A 268 32.04 16.86 0.67
C ALA A 268 30.75 17.59 1.03
N GLU A 269 29.68 17.36 0.25
CA GLU A 269 28.39 17.96 0.58
C GLU A 269 27.89 17.45 1.93
N ALA A 270 27.98 16.14 2.16
CA ALA A 270 27.60 15.59 3.46
C ALA A 270 28.39 16.26 4.59
N VAL A 271 29.70 16.44 4.40
CA VAL A 271 30.52 17.11 5.40
C VAL A 271 30.03 18.54 5.61
N ALA A 272 29.73 19.27 4.52
CA ALA A 272 29.23 20.63 4.68
C ALA A 272 27.87 20.64 5.37
N GLU A 273 27.11 19.56 5.27
CA GLU A 273 25.85 19.42 6.01
C GLU A 273 26.05 18.96 7.45
N GLY A 274 27.29 18.87 7.93
CA GLY A 274 27.54 18.45 9.29
C GLY A 274 27.47 16.96 9.56
N ARG A 275 27.61 16.13 8.52
CA ARG A 275 27.58 14.68 8.63
C ARG A 275 28.98 14.11 8.42
N ALA A 276 29.24 12.95 9.04
CA ALA A 276 30.53 12.30 8.80
C ALA A 276 30.63 11.83 7.34
N ALA A 277 31.78 12.08 6.71
CA ALA A 277 31.94 11.80 5.29
C ALA A 277 31.65 10.35 4.94
N ASP A 278 31.91 9.41 5.85
CA ASP A 278 31.69 8.00 5.60
C ASP A 278 30.36 7.49 6.10
N SER A 279 29.51 8.38 6.63
CA SER A 279 28.16 8.02 7.07
C SER A 279 27.13 8.13 5.97
N ILE A 280 27.54 8.53 4.77
CA ILE A 280 26.70 8.46 3.57
C ILE A 280 27.31 7.39 2.68
N LYS A 281 26.47 6.50 2.14
CA LYS A 281 26.95 5.38 1.35
C LYS A 281 26.69 5.61 -0.13
N LEU A 282 27.67 5.31 -0.97
CA LEU A 282 27.59 5.56 -2.40
C LEU A 282 27.54 4.20 -3.09
N MET A 283 26.50 3.96 -3.87
CA MET A 283 26.38 2.71 -4.62
C MET A 283 26.23 3.04 -6.10
N ALA A 284 27.01 2.38 -6.94
CA ALA A 284 26.93 2.63 -8.38
C ALA A 284 26.05 1.59 -9.04
N ALA A 285 25.24 2.04 -10.00
CA ALA A 285 24.55 1.13 -10.89
C ALA A 285 25.56 0.30 -11.65
N PHE A 286 25.30 -1.00 -11.76
CA PHE A 286 26.25 -1.91 -12.41
C PHE A 286 25.47 -2.95 -13.22
N SER A 287 25.78 -3.01 -14.51
CA SER A 287 25.19 -3.99 -15.42
C SER A 287 26.31 -4.90 -15.91
N CYS A 288 26.00 -6.17 -16.16
CA CYS A 288 27.02 -7.04 -16.73
C CYS A 288 26.41 -8.13 -17.58
N VAL A 289 27.25 -8.68 -18.45
CA VAL A 289 26.94 -9.85 -19.26
C VAL A 289 28.08 -10.84 -19.06
N ILE A 290 27.78 -12.01 -18.50
CA ILE A 290 28.76 -12.98 -18.05
C ILE A 290 28.62 -14.26 -18.86
N ALA A 291 29.75 -14.83 -19.26
CA ALA A 291 29.77 -16.10 -19.97
C ALA A 291 31.10 -16.79 -19.68
N PRO A 292 31.22 -18.08 -20.01
CA PRO A 292 32.46 -18.79 -19.65
C PRO A 292 33.71 -18.33 -20.39
N THR A 293 33.60 -17.79 -21.61
CA THR A 293 34.73 -17.17 -22.29
C THR A 293 34.36 -15.74 -22.69
N HIS A 294 35.38 -14.92 -22.91
CA HIS A 294 35.12 -13.53 -23.30
C HIS A 294 34.35 -13.46 -24.61
N GLU A 295 34.72 -14.30 -25.59
CA GLU A 295 34.04 -14.31 -26.88
C GLU A 295 32.56 -14.68 -26.74
N GLU A 296 32.25 -15.65 -25.88
CA GLU A 296 30.85 -15.99 -25.67
C GLU A 296 30.09 -14.86 -25.00
N ALA A 297 30.74 -14.10 -24.11
CA ALA A 297 30.05 -12.99 -23.44
C ALA A 297 29.73 -11.90 -24.44
N VAL A 298 30.66 -11.59 -25.33
CA VAL A 298 30.42 -10.60 -26.37
C VAL A 298 29.24 -11.03 -27.23
N GLN A 299 29.19 -12.31 -27.58
CA GLN A 299 28.10 -12.80 -28.43
C GLN A 299 26.77 -12.76 -27.69
N LYS A 300 26.78 -13.11 -26.40
CA LYS A 300 25.58 -13.03 -25.59
C LYS A 300 25.05 -11.59 -25.50
N TYR A 301 25.95 -10.60 -25.44
CA TYR A 301 25.51 -9.21 -25.42
C TYR A 301 24.87 -8.83 -26.74
N GLN A 302 25.46 -9.26 -27.85
CA GLN A 302 24.90 -8.98 -29.17
C GLN A 302 23.49 -9.54 -29.29
N GLU A 303 23.26 -10.74 -28.75
CA GLU A 303 21.93 -11.34 -28.82
C GLU A 303 20.90 -10.56 -28.01
N VAL A 304 21.31 -9.92 -26.92
CA VAL A 304 20.39 -9.05 -26.19
C VAL A 304 20.01 -7.84 -27.06
N LEU A 305 21.00 -7.21 -27.69
CA LEU A 305 20.72 -6.06 -28.55
C LEU A 305 19.85 -6.45 -29.74
N ASP A 306 20.10 -7.62 -30.32
CA ASP A 306 19.30 -8.08 -31.45
C ASP A 306 17.85 -8.35 -31.05
N SER A 307 17.56 -8.52 -29.77
CA SER A 307 16.20 -8.86 -29.38
C SER A 307 15.26 -7.66 -29.38
N GLN A 308 15.80 -6.43 -29.40
CA GLN A 308 14.99 -5.21 -29.36
C GLN A 308 14.61 -4.76 -30.77
N THR A 309 13.30 -4.53 -30.99
CA THR A 309 12.82 -4.07 -32.28
C THR A 309 13.54 -2.78 -32.69
N PRO A 310 14.03 -2.68 -33.93
CA PRO A 310 14.82 -1.49 -34.33
C PRO A 310 14.09 -0.16 -34.21
N GLU A 311 12.77 -0.12 -34.42
CA GLU A 311 11.99 1.11 -34.34
C GLU A 311 11.84 1.65 -32.92
N VAL A 312 12.17 0.86 -31.91
CA VAL A 312 11.98 1.31 -30.52
C VAL A 312 12.86 2.51 -30.21
N ALA A 313 14.14 2.44 -30.58
CA ALA A 313 15.12 3.42 -30.10
C ALA A 313 14.68 4.87 -30.39
N VAL A 314 14.26 5.15 -31.63
CA VAL A 314 13.93 6.54 -31.95
C VAL A 314 12.67 7.00 -31.22
N ALA A 315 11.74 6.09 -30.93
CA ALA A 315 10.56 6.44 -30.16
C ALA A 315 10.90 6.75 -28.71
N SER A 316 11.64 5.86 -28.05
CA SER A 316 11.93 6.08 -26.63
C SER A 316 12.94 7.21 -26.43
N TYR A 317 13.80 7.47 -27.42
CA TYR A 317 14.69 8.64 -27.32
C TYR A 317 13.88 9.93 -27.29
N ALA A 318 12.88 10.05 -28.17
CA ALA A 318 12.00 11.22 -28.17
C ALA A 318 11.25 11.35 -26.87
N TRP A 319 10.76 10.22 -26.33
CA TRP A 319 10.10 10.22 -25.04
C TRP A 319 11.01 10.75 -23.93
N PHE A 320 12.23 10.19 -23.81
CA PHE A 320 13.09 10.51 -22.67
C PHE A 320 13.75 11.87 -22.78
N THR A 321 14.03 12.34 -23.98
CA THR A 321 14.77 13.58 -24.14
C THR A 321 14.04 14.72 -24.75
N GLY A 322 12.93 14.45 -25.40
CA GLY A 322 12.17 15.46 -26.10
C GLY A 322 12.61 15.70 -27.52
N LEU A 323 13.70 15.09 -27.94
CA LEU A 323 14.27 15.23 -29.24
C LEU A 323 13.81 14.14 -30.18
N ASP A 324 13.10 14.50 -31.22
CA ASP A 324 12.64 13.52 -32.17
C ASP A 324 13.60 13.43 -33.35
N LEU A 325 14.10 12.24 -33.65
CA LEU A 325 15.12 12.05 -34.68
C LEU A 325 14.63 11.20 -35.85
N SER A 326 13.33 10.95 -35.97
CA SER A 326 12.88 9.94 -36.92
C SER A 326 13.11 10.35 -38.37
N SER A 327 13.01 11.65 -38.68
CA SER A 327 13.03 12.07 -40.08
C SER A 327 14.41 12.05 -40.71
N TYR A 328 15.48 11.99 -39.93
CA TYR A 328 16.82 12.21 -40.42
C TYR A 328 17.49 10.91 -40.85
N ASP A 329 18.46 11.03 -41.76
CA ASP A 329 19.31 9.93 -42.14
C ASP A 329 20.34 9.68 -41.04
N PRO A 330 20.70 8.41 -40.80
CA PRO A 330 21.69 8.12 -39.75
C PRO A 330 23.01 8.84 -39.90
N SER A 331 23.42 9.19 -41.13
CA SER A 331 24.67 9.90 -41.34
C SER A 331 24.56 11.40 -41.05
N THR A 332 23.36 11.92 -40.82
CA THR A 332 23.17 13.34 -40.52
C THR A 332 23.97 13.76 -39.29
N PRO A 333 24.90 14.70 -39.41
CA PRO A 333 25.61 15.19 -38.22
C PRO A 333 24.63 15.81 -37.23
N MET A 334 24.96 15.67 -35.95
CA MET A 334 24.12 16.31 -34.93
C MET A 334 24.25 17.83 -34.94
N SER A 335 25.19 18.38 -35.71
CA SER A 335 25.25 19.81 -35.93
C SER A 335 24.20 20.29 -36.93
N GLU A 336 23.83 19.44 -37.86
CA GLU A 336 22.89 19.79 -38.90
C GLU A 336 21.43 19.49 -38.67
N LEU A 337 20.96 19.56 -37.43
CA LEU A 337 19.54 19.32 -37.16
C LEU A 337 18.67 20.53 -37.49
N HIS A 338 17.36 20.37 -37.48
CA HIS A 338 16.51 21.49 -37.79
C HIS A 338 16.41 22.39 -36.60
N THR A 339 16.16 21.78 -35.45
CA THR A 339 16.03 22.51 -34.21
C THR A 339 17.39 23.05 -33.77
N GLU A 340 17.34 24.06 -32.94
CA GLU A 340 18.50 24.45 -32.16
C GLU A 340 18.54 23.59 -30.89
N LEU A 341 19.72 23.50 -30.30
CA LEU A 341 19.93 22.60 -29.18
C LEU A 341 20.45 23.38 -27.98
N SER A 342 20.16 22.86 -26.81
CA SER A 342 20.77 23.45 -25.65
C SER A 342 22.24 23.34 -25.88
N GLN A 343 22.98 24.16 -25.18
CA GLN A 343 24.41 24.11 -25.26
C GLN A 343 24.91 22.72 -24.87
N THR A 344 24.36 22.17 -23.79
CA THR A 344 24.61 20.83 -23.34
C THR A 344 24.51 19.81 -24.47
N GLN A 345 23.45 19.85 -25.25
CA GLN A 345 23.30 18.92 -26.33
C GLN A 345 24.39 19.14 -27.43
N VAL A 346 24.76 20.38 -27.72
CA VAL A 346 25.76 20.62 -28.76
C VAL A 346 27.12 20.11 -28.32
N ALA A 347 27.43 20.19 -27.01
CA ALA A 347 28.70 19.69 -26.51
C ALA A 347 28.72 18.18 -26.46
N ARG A 348 27.60 17.56 -26.09
CA ARG A 348 27.55 16.10 -26.01
C ARG A 348 27.49 15.45 -27.40
N PHE A 349 26.90 16.12 -28.38
CA PHE A 349 26.79 15.56 -29.72
C PHE A 349 27.95 15.96 -30.63
N ALA A 350 28.96 16.66 -30.12
CA ALA A 350 30.02 17.18 -30.97
C ALA A 350 30.75 16.05 -31.69
N GLY A 351 30.65 16.04 -33.02
CA GLY A 351 31.31 15.03 -33.83
C GLY A 351 30.52 13.76 -34.05
N LEU A 352 29.33 13.63 -33.44
CA LEU A 352 28.51 12.45 -33.61
C LEU A 352 27.45 12.68 -34.68
N THR A 353 26.84 11.58 -35.10
CA THR A 353 25.76 11.57 -36.08
C THR A 353 24.48 11.08 -35.41
N VAL A 354 23.36 11.21 -36.13
CA VAL A 354 22.09 10.67 -35.63
C VAL A 354 22.21 9.18 -35.38
N GLY A 355 22.92 8.48 -36.26
CA GLY A 355 23.08 7.04 -36.11
C GLY A 355 23.90 6.68 -34.88
N ASP A 356 24.97 7.43 -34.62
CA ASP A 356 25.71 7.25 -33.37
C ASP A 356 24.78 7.35 -32.18
N VAL A 357 23.95 8.40 -32.14
CA VAL A 357 23.12 8.68 -30.97
C VAL A 357 22.10 7.56 -30.78
N LEU A 358 21.40 7.18 -31.84
CA LEU A 358 20.38 6.16 -31.71
C LEU A 358 20.99 4.78 -31.46
N ALA A 359 22.17 4.49 -32.02
CA ALA A 359 22.79 3.20 -31.75
C ALA A 359 23.20 3.10 -30.30
N ASP A 360 23.73 4.18 -29.72
CA ASP A 360 24.06 4.16 -28.29
C ASP A 360 22.81 4.01 -27.45
N TRP A 361 21.74 4.70 -27.81
CA TRP A 361 20.48 4.60 -27.05
C TRP A 361 19.88 3.20 -27.15
N HIS A 362 19.89 2.63 -28.35
CA HIS A 362 19.42 1.26 -28.57
C HIS A 362 20.08 0.29 -27.61
N ALA A 363 21.37 0.49 -27.34
CA ALA A 363 22.14 -0.48 -26.58
C ALA A 363 21.83 -0.42 -25.09
N HIS A 364 21.48 0.75 -24.54
CA HIS A 364 21.29 0.77 -23.10
C HIS A 364 20.35 1.84 -22.57
N GLY A 365 19.73 2.68 -23.40
CA GLY A 365 18.81 3.67 -22.85
C GLY A 365 19.52 4.52 -21.81
N VAL A 366 18.85 4.74 -20.66
CA VAL A 366 19.50 5.41 -19.52
C VAL A 366 20.18 4.43 -18.57
N ARG A 367 20.16 3.13 -18.87
CA ARG A 367 20.87 2.17 -18.04
C ARG A 367 22.39 2.31 -18.23
N THR A 368 23.15 1.84 -17.24
CA THR A 368 24.60 1.82 -17.36
C THR A 368 25.02 0.87 -18.48
N LYS A 369 26.12 1.19 -19.16
CA LYS A 369 26.68 0.25 -20.12
C LYS A 369 27.19 -0.99 -19.39
N PRO A 370 26.94 -2.20 -19.90
CA PRO A 370 27.35 -3.39 -19.17
C PRO A 370 28.84 -3.67 -19.26
N VAL A 371 29.34 -4.31 -18.21
CA VAL A 371 30.65 -4.96 -18.23
C VAL A 371 30.46 -6.35 -18.81
N VAL A 372 31.19 -6.65 -19.89
CA VAL A 372 30.98 -7.87 -20.66
C VAL A 372 32.23 -8.71 -20.53
N GLY A 373 32.12 -9.90 -19.94
CA GLY A 373 33.27 -10.78 -19.87
C GLY A 373 33.04 -12.07 -19.10
N THR A 374 34.16 -12.73 -18.79
CA THR A 374 34.17 -13.92 -17.94
C THR A 374 33.86 -13.54 -16.49
N PRO A 375 33.54 -14.53 -15.64
CA PRO A 375 33.28 -14.19 -14.23
C PRO A 375 34.42 -13.45 -13.57
N GLU A 376 35.66 -13.87 -13.82
CA GLU A 376 36.81 -13.20 -13.21
C GLU A 376 36.98 -11.77 -13.74
N GLU A 377 36.73 -11.55 -15.03
CA GLU A 377 36.81 -10.20 -15.57
C GLU A 377 35.76 -9.27 -14.96
N VAL A 378 34.54 -9.77 -14.78
CA VAL A 378 33.48 -8.95 -14.20
C VAL A 378 33.79 -8.66 -12.72
N ALA A 379 34.28 -9.67 -12.00
CA ALA A 379 34.70 -9.47 -10.61
C ALA A 379 35.85 -8.47 -10.51
N ASP A 380 36.82 -8.55 -11.43
CA ASP A 380 37.89 -7.56 -11.42
C ASP A 380 37.36 -6.16 -11.67
N ALA A 381 36.36 -6.03 -12.55
CA ALA A 381 35.79 -4.71 -12.84
C ALA A 381 35.12 -4.12 -11.61
N ILE A 382 34.44 -4.97 -10.83
CA ILE A 382 33.79 -4.53 -9.60
C ILE A 382 34.81 -3.98 -8.60
N VAL A 383 35.92 -4.70 -8.42
CA VAL A 383 36.96 -4.26 -7.49
C VAL A 383 37.60 -2.97 -7.96
N GLU A 384 37.85 -2.84 -9.27
CA GLU A 384 38.45 -1.60 -9.78
C GLU A 384 37.53 -0.40 -9.62
N LEU A 385 36.24 -0.57 -9.89
CA LEU A 385 35.27 0.47 -9.63
C LEU A 385 35.27 0.87 -8.16
N ALA A 386 35.22 -0.12 -7.26
CA ALA A 386 35.10 0.17 -5.83
C ALA A 386 36.34 0.87 -5.30
N GLU A 387 37.53 0.39 -5.69
CA GLU A 387 38.75 1.01 -5.22
C GLU A 387 39.01 2.33 -5.93
N GLY A 388 38.70 2.42 -7.23
CA GLY A 388 39.00 3.63 -7.98
C GLY A 388 38.09 4.80 -7.64
N ALA A 389 36.84 4.53 -7.25
CA ALA A 389 35.88 5.59 -7.03
C ALA A 389 35.41 5.71 -5.58
N ASP A 390 35.96 4.91 -4.64
CA ASP A 390 35.61 5.01 -3.21
C ASP A 390 34.13 4.65 -2.98
N LEU A 391 33.67 3.63 -3.69
CA LEU A 391 32.28 3.21 -3.60
C LEU A 391 32.05 2.30 -2.40
N ASP A 392 30.82 2.30 -1.91
CA ASP A 392 30.41 1.43 -0.81
C ASP A 392 29.60 0.23 -1.27
N GLY A 393 29.15 0.19 -2.52
CA GLY A 393 28.37 -0.93 -2.97
C GLY A 393 27.92 -0.74 -4.40
N PHE A 394 27.16 -1.72 -4.89
CA PHE A 394 26.66 -1.71 -6.25
C PHE A 394 25.19 -2.06 -6.29
N LEU A 395 24.45 -1.34 -7.13
CA LEU A 395 23.07 -1.66 -7.49
C LEU A 395 23.10 -2.44 -8.80
N LEU A 396 22.87 -3.75 -8.73
CA LEU A 396 22.88 -4.57 -9.94
C LEU A 396 21.66 -4.26 -10.80
N THR A 397 21.89 -3.83 -12.03
CA THR A 397 20.81 -3.48 -12.94
C THR A 397 20.78 -4.52 -14.06
N PRO A 398 19.84 -5.45 -14.03
CA PRO A 398 19.88 -6.57 -14.99
C PRO A 398 19.50 -6.15 -16.39
N VAL A 399 20.05 -6.85 -17.37
CA VAL A 399 19.59 -6.65 -18.74
C VAL A 399 18.48 -7.65 -19.10
N ILE A 400 18.55 -8.86 -18.56
CA ILE A 400 17.55 -9.90 -18.76
C ILE A 400 17.24 -10.53 -17.40
N GLN A 401 15.97 -10.66 -17.06
CA GLN A 401 15.59 -11.25 -15.78
C GLN A 401 14.87 -12.58 -15.95
N PRO A 402 15.13 -13.55 -15.05
CA PRO A 402 16.04 -13.50 -13.89
C PRO A 402 17.51 -13.77 -14.20
N GLY A 403 17.83 -14.07 -15.47
CA GLY A 403 19.14 -14.61 -15.81
C GLY A 403 20.31 -13.71 -15.44
N SER A 404 20.19 -12.40 -15.66
CA SER A 404 21.30 -11.50 -15.32
C SER A 404 21.61 -11.55 -13.82
N THR A 405 20.57 -11.67 -12.99
CA THR A 405 20.78 -11.74 -11.55
C THR A 405 21.35 -13.10 -11.14
N ILE A 406 20.83 -14.19 -11.70
CA ILE A 406 21.35 -15.51 -11.39
C ILE A 406 22.83 -15.62 -11.78
N ASP A 407 23.17 -15.13 -12.98
CA ASP A 407 24.56 -15.19 -13.45
C ASP A 407 25.52 -14.50 -12.49
N PHE A 408 25.15 -13.30 -12.04
CA PHE A 408 26.02 -12.58 -11.13
C PHE A 408 26.20 -13.33 -9.83
N ILE A 409 25.10 -13.81 -9.26
CA ILE A 409 25.13 -14.52 -7.98
C ILE A 409 25.95 -15.81 -8.09
N GLU A 410 25.73 -16.58 -9.15
CA GLU A 410 26.36 -17.89 -9.23
C GLU A 410 27.82 -17.82 -9.62
N HIS A 411 28.22 -16.85 -10.43
CA HIS A 411 29.57 -16.85 -10.99
C HIS A 411 30.48 -15.74 -10.48
N VAL A 412 29.94 -14.55 -10.21
CA VAL A 412 30.76 -13.39 -9.81
C VAL A 412 30.86 -13.25 -8.30
N LEU A 413 29.72 -13.27 -7.61
CA LEU A 413 29.72 -13.13 -6.16
C LEU A 413 30.67 -14.10 -5.44
N PRO A 414 30.81 -15.38 -5.84
CA PRO A 414 31.78 -16.24 -5.13
C PRO A 414 33.21 -15.73 -5.22
N ILE A 415 33.63 -15.18 -6.37
CA ILE A 415 34.97 -14.63 -6.45
C ILE A 415 35.11 -13.43 -5.52
N LEU A 416 34.10 -12.54 -5.50
CA LEU A 416 34.13 -11.38 -4.61
C LEU A 416 34.18 -11.80 -3.14
N ARG A 417 33.44 -12.85 -2.77
CA ARG A 417 33.49 -13.31 -1.38
C ARG A 417 34.85 -13.89 -1.02
N GLU A 418 35.45 -14.67 -1.92
CA GLU A 418 36.80 -15.19 -1.65
C GLU A 418 37.80 -14.06 -1.47
N ARG A 419 37.67 -13.01 -2.29
CA ARG A 419 38.58 -11.87 -2.19
C ARG A 419 38.33 -11.01 -0.96
N GLY A 420 37.26 -11.29 -0.22
CA GLY A 420 37.00 -10.55 1.00
C GLY A 420 36.32 -9.22 0.82
N VAL A 421 35.73 -8.95 -0.34
CA VAL A 421 35.08 -7.67 -0.59
C VAL A 421 33.57 -7.76 -0.55
N ALA A 422 33.01 -8.97 -0.43
CA ALA A 422 31.59 -9.17 -0.27
C ALA A 422 31.38 -10.03 0.95
N ALA A 423 30.31 -9.75 1.68
CA ALA A 423 29.98 -10.52 2.87
C ALA A 423 29.45 -11.89 2.46
N SER A 424 29.46 -12.82 3.43
CA SER A 424 29.04 -14.19 3.16
C SER A 424 27.54 -14.40 3.36
N GLY A 425 26.92 -13.71 4.31
CA GLY A 425 25.49 -13.87 4.58
C GLY A 425 24.88 -12.62 5.16
N TYR A 426 23.92 -12.78 6.08
CA TYR A 426 23.26 -11.67 6.77
C TYR A 426 23.73 -11.61 8.21
N ASP A 427 24.43 -10.55 8.58
CA ASP A 427 24.91 -10.42 9.95
C ASP A 427 24.20 -9.34 10.74
N ALA A 428 23.15 -8.73 10.18
CA ALA A 428 22.31 -7.79 10.90
C ALA A 428 20.89 -7.95 10.40
N PRO A 429 19.89 -7.87 11.28
CA PRO A 429 18.50 -8.08 10.85
C PRO A 429 17.85 -6.89 10.15
N THR A 430 18.25 -5.65 10.45
CA THR A 430 17.62 -4.49 9.85
C THR A 430 18.46 -3.95 8.70
N LEU A 431 17.78 -3.27 7.78
CA LEU A 431 18.46 -2.73 6.61
C LEU A 431 19.49 -1.67 6.99
N ARG A 432 19.16 -0.80 7.96
CA ARG A 432 20.09 0.26 8.31
C ARG A 432 21.36 -0.31 8.94
N GLU A 433 21.22 -1.30 9.82
CA GLU A 433 22.43 -1.89 10.42
C GLU A 433 23.33 -2.49 9.35
N ARG A 434 22.74 -3.16 8.36
CA ARG A 434 23.56 -3.81 7.33
C ARG A 434 24.19 -2.78 6.41
N LEU A 435 23.43 -1.77 5.98
CA LEU A 435 23.97 -0.83 4.99
C LEU A 435 24.94 0.18 5.64
N LEU A 436 24.60 0.66 6.80
CA LEU A 436 25.42 1.65 7.46
C LEU A 436 26.52 1.05 8.34
N GLY A 437 26.53 -0.25 8.47
CA GLY A 437 27.52 -0.96 9.22
C GLY A 437 27.61 -0.63 10.67
N THR A 438 26.47 -0.45 11.26
CA THR A 438 26.38 -0.11 12.63
C THR A 438 25.53 -1.16 13.36
N GLU A 439 25.44 -1.01 14.66
CA GLU A 439 24.63 -1.84 15.49
C GLU A 439 23.41 -1.05 15.94
N THR A 440 23.26 0.16 15.44
CA THR A 440 22.09 0.99 15.69
C THR A 440 21.12 0.88 14.52
N PRO A 441 19.87 0.47 14.74
CA PRO A 441 18.89 0.43 13.65
C PRO A 441 18.25 1.77 13.31
N VAL A 442 18.41 2.80 14.13
CA VAL A 442 17.77 4.09 13.88
C VAL A 442 18.76 5.09 13.27
N LEU A 443 18.22 6.19 12.71
CA LEU A 443 19.02 7.25 12.12
C LEU A 443 20.15 7.68 13.06
N ARG A 444 21.31 8.03 12.48
CA ARG A 444 22.40 8.64 13.23
C ARG A 444 22.01 10.00 13.77
N GLU A 445 22.68 10.39 14.86
CA GLU A 445 22.44 11.70 15.47
C GLU A 445 22.81 12.86 14.53
N ASP A 446 23.79 12.68 13.65
CA ASP A 446 24.08 13.77 12.73
C ASP A 446 23.17 13.79 11.49
N HIS A 447 22.14 12.98 11.44
CA HIS A 447 21.16 13.02 10.35
C HIS A 447 20.01 13.97 10.72
N PRO A 448 19.45 14.71 9.74
CA PRO A 448 18.35 15.65 10.05
C PRO A 448 17.14 15.02 10.73
N GLY A 449 16.77 13.79 10.36
CA GLY A 449 15.60 13.20 10.96
C GLY A 449 15.72 13.00 12.46
N ALA A 450 16.96 12.80 12.94
CA ALA A 450 17.19 12.60 14.37
C ALA A 450 16.85 13.83 15.19
N GLY A 451 16.88 15.02 14.59
CA GLY A 451 16.57 16.23 15.34
C GLY A 451 15.12 16.33 15.80
N TYR A 452 14.23 15.50 15.26
CA TYR A 452 12.81 15.55 15.58
C TYR A 452 12.42 14.63 16.73
N ARG A 453 13.36 13.95 17.36
CA ARG A 453 13.04 13.02 18.43
C ARG A 453 12.68 13.74 19.72
N ALA A 454 11.50 13.41 20.28
CA ALA A 454 11.05 14.06 21.50
C ALA A 454 11.92 13.68 22.70
N GLN A 455 12.34 12.41 22.77
CA GLN A 455 13.19 11.95 23.87
C GLN A 455 14.57 12.58 23.85
N SER A 456 14.95 13.22 22.76
CA SER A 456 16.22 13.92 22.63
C SER A 456 16.07 15.44 22.68
N GLY A 457 14.87 15.95 22.95
CA GLY A 457 14.66 17.36 23.16
C GLY A 457 13.99 18.14 22.03
N ALA A 458 13.39 17.48 21.07
CA ALA A 458 12.72 18.14 19.99
C ALA A 458 11.39 18.71 20.46
N LEU A 459 10.94 19.76 19.79
CA LEU A 459 9.73 20.42 20.11
C LEU A 459 8.54 19.55 19.83
N VAL A 460 7.65 19.54 20.80
CA VAL A 460 6.39 18.84 20.81
C VAL A 460 6.48 17.34 20.74
N MET B 8 -32.35 -23.71 -1.25
CA MET B 8 -32.06 -23.14 0.06
C MET B 8 -30.85 -22.20 -0.02
N LYS B 9 -31.04 -20.98 0.50
CA LYS B 9 -29.98 -19.97 0.45
C LYS B 9 -28.77 -20.42 1.27
N GLN B 10 -27.61 -20.42 0.65
CA GLN B 10 -26.37 -20.75 1.34
C GLN B 10 -25.70 -19.45 1.77
N LEU B 11 -25.65 -19.23 3.07
CA LEU B 11 -25.14 -17.98 3.63
C LEU B 11 -23.63 -17.88 3.46
N ARG B 12 -23.15 -16.67 3.23
CA ARG B 12 -21.73 -16.37 3.19
C ARG B 12 -21.31 -15.78 4.53
N PHE B 13 -20.05 -15.99 4.90
CA PHE B 13 -19.53 -15.52 6.18
C PHE B 13 -18.19 -14.83 5.97
N GLY B 14 -18.02 -13.66 6.60
CA GLY B 14 -16.75 -12.97 6.61
C GLY B 14 -16.42 -12.57 8.03
N LEU B 15 -15.13 -12.31 8.25
CA LEU B 15 -14.62 -11.91 9.56
C LEU B 15 -14.32 -10.42 9.59
N PHE B 16 -14.79 -9.73 10.63
CA PHE B 16 -14.54 -8.31 10.84
C PHE B 16 -13.28 -8.15 11.68
N GLU B 17 -12.23 -7.56 11.11
CA GLU B 17 -10.97 -7.35 11.80
C GLU B 17 -10.59 -5.87 11.79
N ASN B 18 -9.63 -5.54 12.65
CA ASN B 18 -9.08 -4.19 12.76
C ASN B 18 -7.58 -4.28 12.94
N ALA B 19 -6.84 -3.44 12.21
CA ALA B 19 -5.40 -3.40 12.33
C ALA B 19 -4.98 -2.50 13.49
N GLN B 20 -5.54 -2.78 14.66
CA GLN B 20 -5.17 -2.16 15.92
C GLN B 20 -5.72 -3.03 17.05
N THR B 21 -5.37 -2.68 18.29
CA THR B 21 -5.68 -3.59 19.39
C THR B 21 -7.17 -3.59 19.75
N ASN B 22 -7.76 -2.41 19.94
CA ASN B 22 -9.15 -2.32 20.37
C ASN B 22 -9.99 -1.66 19.28
N ASP B 23 -11.30 -1.88 19.34
CA ASP B 23 -12.20 -1.36 18.31
C ASP B 23 -13.56 -1.04 18.91
N SER B 24 -14.29 -0.17 18.22
CA SER B 24 -15.71 0.07 18.41
C SER B 24 -16.04 0.69 19.76
N GLY B 25 -15.06 1.27 20.45
CA GLY B 25 -15.31 1.90 21.72
C GLY B 25 -15.17 1.01 22.94
N THR B 26 -14.78 -0.25 22.76
CA THR B 26 -14.50 -1.16 23.86
C THR B 26 -13.00 -1.40 23.97
N ALA B 27 -12.61 -2.11 25.03
CA ALA B 27 -11.19 -2.36 25.24
C ALA B 27 -10.94 -3.56 26.14
N THR B 28 -11.06 -4.76 25.59
CA THR B 28 -10.85 -5.99 26.32
C THR B 28 -9.46 -6.59 26.09
N TRP B 29 -8.49 -5.77 25.68
CA TRP B 29 -7.14 -6.26 25.37
C TRP B 29 -6.48 -6.94 26.58
N ARG B 30 -6.89 -6.57 27.81
CA ARG B 30 -6.31 -7.13 29.01
C ARG B 30 -6.77 -8.55 29.32
N HIS B 31 -7.79 -9.04 28.63
CA HIS B 31 -8.23 -10.42 28.82
C HIS B 31 -7.09 -11.37 28.50
N PRO B 32 -6.84 -12.38 29.33
CA PRO B 32 -5.63 -13.23 29.15
C PRO B 32 -5.56 -13.95 27.82
N ASP B 33 -6.70 -14.17 27.15
CA ASP B 33 -6.72 -14.89 25.88
C ASP B 33 -6.74 -13.97 24.67
N ASN B 34 -6.74 -12.65 24.89
CA ASN B 34 -6.79 -11.72 23.77
C ASN B 34 -5.39 -11.52 23.22
N GLN B 35 -5.24 -11.71 21.92
CA GLN B 35 -3.94 -11.65 21.27
C GLN B 35 -3.76 -10.45 20.37
N ARG B 36 -4.74 -9.55 20.26
CA ARG B 36 -4.57 -8.51 19.26
C ARG B 36 -3.71 -7.34 19.75
N HIS B 37 -3.08 -7.44 20.93
CA HIS B 37 -2.02 -6.51 21.26
C HIS B 37 -0.82 -6.71 20.35
N LEU B 38 -0.75 -7.86 19.65
CA LEU B 38 0.29 -8.12 18.67
C LEU B 38 -0.18 -7.84 17.25
N PHE B 39 -1.13 -6.91 17.08
CA PHE B 39 -1.61 -6.57 15.74
C PHE B 39 -0.51 -6.07 14.82
N ASP B 40 0.61 -5.58 15.36
CA ASP B 40 1.65 -5.01 14.51
C ASP B 40 2.74 -6.02 14.16
N THR B 41 2.46 -7.31 14.31
CA THR B 41 3.32 -8.39 13.90
C THR B 41 2.63 -9.18 12.80
N LEU B 42 3.39 -9.62 11.80
CA LEU B 42 2.77 -10.40 10.73
C LEU B 42 2.23 -11.74 11.24
N ASP B 43 2.81 -12.29 12.32
CA ASP B 43 2.39 -13.61 12.79
C ASP B 43 0.95 -13.63 13.28
N TYR B 44 0.50 -12.54 13.92
CA TYR B 44 -0.90 -12.45 14.30
C TYR B 44 -1.81 -12.61 13.09
N TRP B 45 -1.49 -11.89 12.01
CA TRP B 45 -2.34 -11.87 10.82
C TRP B 45 -2.24 -13.18 10.05
N ARG B 46 -1.04 -13.75 9.93
CA ARG B 46 -0.88 -15.07 9.34
C ARG B 46 -1.78 -16.07 10.04
N ASN B 47 -1.77 -16.06 11.37
CA ASN B 47 -2.56 -17.01 12.14
C ASN B 47 -4.05 -16.83 11.86
N ILE B 48 -4.54 -15.59 11.97
CA ILE B 48 -5.95 -15.29 11.71
C ILE B 48 -6.35 -15.74 10.30
N ALA B 49 -5.53 -15.39 9.30
CA ALA B 49 -5.88 -15.73 7.92
C ALA B 49 -5.91 -17.23 7.71
N GLN B 50 -5.00 -17.96 8.35
CA GLN B 50 -4.97 -19.41 8.18
C GLN B 50 -6.17 -20.07 8.84
N ILE B 51 -6.61 -19.55 9.99
CA ILE B 51 -7.83 -20.05 10.63
C ILE B 51 -9.02 -19.86 9.70
N CYS B 52 -9.15 -18.66 9.11
CA CYS B 52 -10.27 -18.37 8.23
C CYS B 52 -10.21 -19.22 6.96
N GLU B 53 -9.04 -19.28 6.33
CA GLU B 53 -8.95 -20.01 5.07
C GLU B 53 -9.19 -21.50 5.27
N ASP B 54 -8.63 -22.08 6.34
CA ASP B 54 -8.87 -23.50 6.62
C ASP B 54 -10.35 -23.78 6.86
N ALA B 55 -11.11 -22.81 7.35
CA ALA B 55 -12.53 -22.96 7.57
C ALA B 55 -13.37 -22.66 6.35
N GLY B 56 -12.78 -22.15 5.27
CA GLY B 56 -13.58 -21.76 4.13
C GLY B 56 -14.41 -20.50 4.33
N LEU B 57 -14.02 -19.62 5.25
CA LEU B 57 -14.68 -18.32 5.35
C LEU B 57 -14.42 -17.52 4.09
N ASP B 58 -15.41 -16.73 3.68
CA ASP B 58 -15.30 -16.10 2.36
C ASP B 58 -14.27 -14.97 2.36
N PHE B 59 -14.17 -14.22 3.45
CA PHE B 59 -13.22 -13.12 3.46
C PHE B 59 -12.91 -12.71 4.88
N VAL B 60 -11.80 -11.98 5.01
CA VAL B 60 -11.45 -11.20 6.19
C VAL B 60 -11.56 -9.74 5.77
N PHE B 61 -12.23 -8.94 6.59
CA PHE B 61 -12.52 -7.54 6.29
C PHE B 61 -11.75 -6.70 7.29
N LEU B 62 -10.82 -5.88 6.78
CA LEU B 62 -10.02 -4.96 7.58
C LEU B 62 -10.66 -3.58 7.53
N ALA B 63 -11.31 -3.19 8.62
CA ALA B 63 -11.78 -1.83 8.77
C ALA B 63 -10.59 -0.87 8.88
N ASP B 64 -10.89 0.43 8.89
CA ASP B 64 -9.82 1.42 8.96
C ASP B 64 -10.37 2.70 9.58
N ALA B 65 -9.44 3.51 10.05
CA ALA B 65 -9.75 4.81 10.67
C ALA B 65 -8.50 5.66 10.51
N TRP B 66 -8.70 6.97 10.39
CA TRP B 66 -7.60 7.91 10.29
C TRP B 66 -7.46 8.81 11.50
N GLY B 67 -8.53 8.96 12.29
CA GLY B 67 -8.54 9.88 13.39
C GLY B 67 -8.09 9.28 14.71
N TRP B 68 -8.52 9.93 15.79
CA TRP B 68 -8.18 9.54 17.15
C TRP B 68 -9.26 10.08 18.08
N ALA B 69 -9.17 9.71 19.34
CA ALA B 69 -10.21 10.06 20.31
C ALA B 69 -10.18 11.54 20.68
N ASP B 70 -11.37 12.12 20.76
CA ASP B 70 -11.59 13.50 21.18
C ASP B 70 -12.62 13.47 22.29
N VAL B 71 -12.23 13.91 23.49
CA VAL B 71 -13.15 14.11 24.60
C VAL B 71 -13.00 15.56 25.06
N ASN B 72 -14.01 16.38 24.79
CA ASN B 72 -13.98 17.81 25.11
C ASN B 72 -12.78 18.50 24.48
N GLY B 73 -12.42 18.11 23.27
CA GLY B 73 -11.31 18.71 22.57
C GLY B 73 -9.94 18.26 23.00
N GLU B 74 -9.85 17.23 23.85
CA GLU B 74 -8.58 16.67 24.27
C GLU B 74 -8.52 15.21 23.88
N ARG B 75 -7.30 14.69 23.74
CA ARG B 75 -7.09 13.25 23.75
C ARG B 75 -6.60 12.87 25.14
N PRO B 76 -7.44 12.33 26.02
CA PRO B 76 -7.03 12.12 27.41
C PRO B 76 -6.09 10.93 27.58
N ASP B 77 -5.46 10.88 28.75
CA ASP B 77 -4.42 9.90 29.00
C ASP B 77 -4.95 8.47 28.97
N ILE B 78 -6.22 8.26 29.31
CA ILE B 78 -6.76 6.90 29.26
C ILE B 78 -6.67 6.31 27.86
N CYS B 79 -6.65 7.14 26.82
CA CYS B 79 -6.54 6.62 25.45
C CYS B 79 -5.24 5.85 25.25
N ASP B 80 -4.15 6.31 25.86
CA ASP B 80 -2.89 5.58 25.78
C ASP B 80 -2.81 4.47 26.82
N VAL B 81 -3.28 4.74 28.05
CA VAL B 81 -3.21 3.71 29.09
C VAL B 81 -3.99 2.46 28.68
N GLU B 82 -5.06 2.61 27.90
CA GLU B 82 -5.87 1.47 27.47
C GLU B 82 -5.84 1.22 25.97
N GLY B 83 -5.05 1.96 25.19
CA GLY B 83 -4.99 1.75 23.75
C GLY B 83 -6.33 1.86 23.05
N LEU B 84 -7.12 2.88 23.40
CA LEU B 84 -8.50 2.97 22.91
C LEU B 84 -8.57 3.26 21.41
N ASP B 85 -7.63 4.04 20.88
CA ASP B 85 -7.76 4.56 19.51
C ASP B 85 -6.54 4.26 18.65
N LEU B 86 -5.36 4.23 19.27
CA LEU B 86 -4.08 4.22 18.54
C LEU B 86 -3.09 3.35 19.29
N PRO B 87 -2.06 2.83 18.60
CA PRO B 87 -1.70 3.01 17.20
C PRO B 87 -2.40 2.02 16.26
N ARG B 88 -2.19 2.14 14.97
CA ARG B 88 -2.79 1.22 14.01
C ARG B 88 -1.84 1.04 12.82
N LEU B 89 -2.17 0.08 11.96
CA LEU B 89 -1.45 -0.11 10.70
C LEU B 89 -2.32 0.26 9.50
N ASP B 90 -1.67 0.46 8.36
CA ASP B 90 -2.41 0.64 7.11
C ASP B 90 -2.98 -0.69 6.63
N PRO B 91 -4.30 -0.80 6.39
CA PRO B 91 -4.87 -2.11 6.01
C PRO B 91 -4.50 -2.60 4.63
N ALA B 92 -4.21 -1.72 3.66
CA ALA B 92 -3.74 -2.21 2.36
C ALA B 92 -2.41 -2.95 2.47
N ILE B 93 -1.56 -2.54 3.41
CA ILE B 93 -0.28 -3.21 3.59
C ILE B 93 -0.47 -4.55 4.27
N VAL B 94 -1.35 -4.60 5.29
CA VAL B 94 -1.67 -5.89 5.90
C VAL B 94 -2.22 -6.85 4.85
N ALA B 95 -3.17 -6.37 4.04
CA ALA B 95 -3.81 -7.23 3.05
C ALA B 95 -2.80 -7.79 2.06
N ALA B 96 -1.93 -6.93 1.52
CA ALA B 96 -0.88 -7.39 0.60
C ALA B 96 -0.01 -8.46 1.24
N ALA B 97 0.37 -8.27 2.52
CA ALA B 97 1.21 -9.26 3.18
C ALA B 97 0.49 -10.59 3.39
N LEU B 98 -0.84 -10.61 3.41
CA LEU B 98 -1.57 -11.87 3.56
C LEU B 98 -1.74 -12.62 2.26
N ILE B 99 -1.49 -11.99 1.11
CA ILE B 99 -1.66 -12.65 -0.18
C ILE B 99 -0.81 -13.89 -0.26
N ALA B 100 0.45 -13.82 0.20
CA ALA B 100 1.38 -14.92 0.00
C ALA B 100 1.05 -16.13 0.84
N SER B 101 0.34 -15.97 1.95
CA SER B 101 0.09 -17.11 2.82
C SER B 101 -1.31 -17.66 2.66
N THR B 102 -2.08 -17.16 1.68
CA THR B 102 -3.44 -17.60 1.43
C THR B 102 -3.58 -17.95 -0.05
N THR B 103 -4.66 -18.62 -0.39
CA THR B 103 -4.86 -18.92 -1.81
C THR B 103 -6.28 -18.63 -2.27
N LYS B 104 -7.28 -18.85 -1.43
CA LYS B 104 -8.67 -18.62 -1.79
C LYS B 104 -9.33 -17.52 -0.98
N LEU B 105 -8.84 -17.24 0.23
CA LEU B 105 -9.47 -16.27 1.12
C LEU B 105 -9.62 -14.88 0.47
N GLY B 106 -10.80 -14.29 0.64
CA GLY B 106 -11.00 -12.90 0.23
C GLY B 106 -10.38 -11.93 1.24
N LEU B 107 -9.84 -10.84 0.71
CA LEU B 107 -9.22 -9.79 1.51
C LEU B 107 -9.94 -8.49 1.18
N VAL B 108 -10.67 -7.97 2.15
CA VAL B 108 -11.50 -6.78 1.97
C VAL B 108 -10.94 -5.68 2.85
N MET B 109 -10.82 -4.47 2.31
CA MET B 109 -10.27 -3.39 3.11
C MET B 109 -11.04 -2.09 2.91
N THR B 110 -11.16 -1.33 4.00
CA THR B 110 -11.75 -0.01 3.93
C THR B 110 -10.85 0.94 3.14
N GLY B 111 -11.48 1.74 2.29
CA GLY B 111 -10.82 2.85 1.62
C GLY B 111 -11.74 4.05 1.57
N SER B 112 -11.26 5.23 1.98
CA SER B 112 -12.09 6.43 2.12
C SER B 112 -12.10 7.27 0.83
N THR B 113 -13.31 7.51 0.30
CA THR B 113 -13.45 8.43 -0.84
C THR B 113 -13.23 9.88 -0.45
N LEU B 114 -13.26 10.19 0.85
CA LEU B 114 -13.00 11.55 1.32
C LEU B 114 -11.53 11.90 1.31
N LEU B 115 -10.64 10.92 1.45
CA LEU B 115 -9.22 11.16 1.67
C LEU B 115 -8.31 10.60 0.58
N GLU B 116 -8.72 9.53 -0.10
CA GLU B 116 -7.85 8.93 -1.12
C GLU B 116 -7.84 9.80 -2.39
N GLN B 117 -6.70 9.75 -3.10
CA GLN B 117 -6.66 10.24 -4.47
C GLN B 117 -7.05 9.11 -5.38
N PRO B 118 -8.08 9.28 -6.21
CA PRO B 118 -8.60 8.12 -6.98
C PRO B 118 -7.60 7.50 -7.93
N TYR B 119 -6.68 8.27 -8.51
CA TYR B 119 -5.76 7.68 -9.49
C TYR B 119 -4.78 6.72 -8.82
N SER B 120 -4.22 7.10 -7.69
CA SER B 120 -3.27 6.22 -7.01
C SER B 120 -3.98 5.09 -6.27
N PHE B 121 -5.19 5.36 -5.77
CA PHE B 121 -5.99 4.32 -5.14
C PHE B 121 -6.37 3.23 -6.16
N ALA B 122 -6.79 3.64 -7.35
CA ALA B 122 -7.16 2.67 -8.37
C ALA B 122 -5.99 1.76 -8.70
N ARG B 123 -4.80 2.33 -8.83
CA ARG B 123 -3.59 1.55 -9.11
C ARG B 123 -3.23 0.63 -7.96
N ARG B 124 -3.37 1.13 -6.72
CA ARG B 124 -3.09 0.29 -5.56
C ARG B 124 -4.02 -0.90 -5.49
N MET B 125 -5.33 -0.66 -5.67
CA MET B 125 -6.30 -1.76 -5.57
C MET B 125 -6.17 -2.75 -6.72
N ALA B 126 -5.91 -2.27 -7.93
CA ALA B 126 -5.75 -3.19 -9.07
C ALA B 126 -4.48 -4.01 -8.92
N SER B 127 -3.45 -3.47 -8.29
CA SER B 127 -2.23 -4.21 -8.01
C SER B 127 -2.48 -5.32 -6.99
N LEU B 128 -3.24 -5.03 -5.93
CA LEU B 128 -3.68 -6.09 -5.02
C LEU B 128 -4.45 -7.17 -5.76
N ASP B 129 -5.36 -6.75 -6.67
CA ASP B 129 -6.18 -7.70 -7.41
C ASP B 129 -5.34 -8.58 -8.35
N HIS B 130 -4.37 -7.99 -9.07
CA HIS B 130 -3.46 -8.79 -9.89
C HIS B 130 -2.71 -9.82 -9.04
N LEU B 131 -2.03 -9.36 -7.98
CA LEU B 131 -1.17 -10.28 -7.23
C LEU B 131 -1.96 -11.34 -6.49
N SER B 132 -3.20 -11.05 -6.08
CA SER B 132 -4.02 -12.02 -5.36
C SER B 132 -4.84 -12.92 -6.28
N LYS B 133 -4.80 -12.66 -7.60
CA LYS B 133 -5.60 -13.41 -8.58
C LYS B 133 -7.09 -13.23 -8.30
N GLY B 134 -7.50 -12.01 -8.01
CA GLY B 134 -8.92 -11.72 -7.98
C GLY B 134 -9.60 -11.98 -6.66
N ARG B 135 -8.95 -11.63 -5.55
CA ARG B 135 -9.53 -11.90 -4.24
C ARG B 135 -9.76 -10.64 -3.41
N ILE B 136 -9.77 -9.46 -4.03
CA ILE B 136 -9.79 -8.18 -3.31
C ILE B 136 -11.19 -7.61 -3.22
N GLY B 137 -11.51 -7.04 -2.05
CA GLY B 137 -12.71 -6.26 -1.88
C GLY B 137 -12.39 -4.90 -1.29
N TRP B 138 -13.31 -3.97 -1.49
CA TRP B 138 -13.14 -2.59 -1.05
C TRP B 138 -14.40 -2.13 -0.33
N ASN B 139 -14.28 -1.81 0.95
CA ASN B 139 -15.37 -1.21 1.69
C ASN B 139 -15.33 0.30 1.45
N VAL B 140 -16.34 0.82 0.77
CA VAL B 140 -16.36 2.19 0.28
C VAL B 140 -16.86 3.09 1.41
N VAL B 141 -15.95 3.87 1.99
CA VAL B 141 -16.27 4.70 3.14
C VAL B 141 -16.40 6.14 2.69
N THR B 142 -17.48 6.79 3.12
CA THR B 142 -17.82 8.12 2.67
C THR B 142 -17.94 9.09 3.83
N THR B 143 -17.67 8.64 5.05
CA THR B 143 -17.78 9.44 6.27
C THR B 143 -16.43 9.48 6.97
N GLY B 144 -16.37 10.28 8.03
CA GLY B 144 -15.15 10.43 8.80
C GLY B 144 -15.15 11.73 9.58
N THR B 145 -14.43 11.76 10.70
CA THR B 145 -14.38 12.97 11.52
C THR B 145 -13.71 14.06 10.71
N ALA B 146 -14.52 14.96 10.14
CA ALA B 146 -13.96 16.09 9.41
C ALA B 146 -13.03 16.90 10.27
N GLU B 147 -13.09 16.72 11.59
CA GLU B 147 -12.19 17.43 12.50
C GLU B 147 -10.79 16.80 12.48
N THR B 148 -10.65 15.60 13.06
CA THR B 148 -9.32 15.07 13.31
C THR B 148 -8.67 14.58 12.01
N ALA B 149 -9.33 13.65 11.32
CA ALA B 149 -8.75 13.12 10.09
C ALA B 149 -8.39 14.22 9.11
N SER B 150 -9.14 15.33 9.09
CA SER B 150 -8.82 16.38 8.13
C SER B 150 -7.76 17.34 8.64
N ALA B 151 -7.61 17.53 9.96
CA ALA B 151 -6.45 18.25 10.46
C ALA B 151 -5.14 17.49 10.22
N ALA B 152 -5.20 16.17 10.21
CA ALA B 152 -4.01 15.36 9.94
C ALA B 152 -3.51 15.56 8.52
N PHE B 153 -4.43 15.65 7.56
CA PHE B 153 -4.10 15.80 6.14
C PHE B 153 -3.94 17.24 5.71
N GLY B 154 -4.25 18.20 6.59
CA GLY B 154 -4.13 19.62 6.28
C GLY B 154 -5.10 20.12 5.23
N VAL B 155 -6.25 19.47 5.08
CA VAL B 155 -7.24 19.81 4.06
C VAL B 155 -8.54 20.23 4.75
N PRO B 156 -9.38 21.04 4.12
CA PRO B 156 -10.62 21.45 4.76
C PRO B 156 -11.65 20.33 4.82
N MET B 157 -12.64 20.55 5.70
CA MET B 157 -13.77 19.65 5.85
C MET B 157 -14.68 19.72 4.64
N VAL B 158 -14.80 18.62 3.90
CA VAL B 158 -15.80 18.56 2.84
C VAL B 158 -17.17 18.50 3.49
N ALA B 159 -18.07 19.38 3.03
CA ALA B 159 -19.37 19.57 3.66
C ALA B 159 -20.08 18.24 3.83
N HIS B 160 -20.67 18.03 5.02
CA HIS B 160 -21.32 16.78 5.34
C HIS B 160 -22.35 16.41 4.28
N ASP B 161 -23.08 17.41 3.79
CA ASP B 161 -24.18 17.14 2.87
C ASP B 161 -23.71 16.94 1.43
N ASP B 162 -22.41 17.01 1.16
CA ASP B 162 -21.85 16.77 -0.15
C ASP B 162 -20.96 15.54 -0.20
N ARG B 163 -20.84 14.80 0.90
CA ARG B 163 -19.90 13.68 0.92
C ARG B 163 -20.31 12.58 -0.05
N TYR B 164 -21.60 12.34 -0.24
CA TYR B 164 -22.00 11.30 -1.18
C TYR B 164 -21.91 11.77 -2.63
N ASP B 165 -22.11 13.08 -2.89
CA ASP B 165 -21.84 13.60 -4.23
C ASP B 165 -20.38 13.43 -4.60
N MET B 166 -19.47 13.77 -3.67
CA MET B 166 -18.04 13.54 -3.91
C MET B 166 -17.73 12.07 -4.13
N ALA B 167 -18.39 11.19 -3.37
CA ALA B 167 -18.16 9.75 -3.52
C ALA B 167 -18.65 9.25 -4.88
N ASP B 168 -19.78 9.77 -5.36
CA ASP B 168 -20.25 9.40 -6.70
C ASP B 168 -19.22 9.76 -7.77
N ASP B 169 -18.60 10.94 -7.65
CA ASP B 169 -17.59 11.37 -8.62
C ASP B 169 -16.33 10.50 -8.52
N PHE B 170 -15.91 10.18 -7.28
CA PHE B 170 -14.83 9.21 -7.07
C PHE B 170 -15.12 7.90 -7.79
N MET B 171 -16.33 7.35 -7.60
CA MET B 171 -16.67 6.07 -8.19
C MET B 171 -16.57 6.13 -9.71
N GLU B 172 -17.14 7.17 -10.32
CA GLU B 172 -17.09 7.26 -11.78
C GLU B 172 -15.66 7.23 -12.29
N LEU B 173 -14.75 7.90 -11.60
CA LEU B 173 -13.35 7.92 -12.04
C LEU B 173 -12.67 6.55 -11.85
N VAL B 174 -12.83 5.92 -10.69
CA VAL B 174 -12.15 4.64 -10.55
C VAL B 174 -12.77 3.59 -11.46
N TYR B 175 -14.08 3.67 -11.74
CA TYR B 175 -14.67 2.80 -12.75
C TYR B 175 -13.99 3.00 -14.11
N LYS B 176 -13.73 4.25 -14.50
CA LYS B 176 -13.09 4.50 -15.78
C LYS B 176 -11.67 3.91 -15.82
N LEU B 177 -10.92 4.06 -14.73
CA LEU B 177 -9.57 3.50 -14.67
C LEU B 177 -9.59 1.96 -14.65
N TRP B 178 -10.52 1.36 -13.91
CA TRP B 178 -10.50 -0.10 -13.77
C TRP B 178 -11.15 -0.81 -14.96
N GLU B 179 -12.23 -0.23 -15.51
CA GLU B 179 -13.02 -0.90 -16.53
C GLU B 179 -12.80 -0.36 -17.94
N GLY B 180 -12.40 0.90 -18.09
CA GLY B 180 -12.40 1.50 -19.42
C GLY B 180 -11.04 1.81 -20.02
N ALA B 181 -10.00 1.84 -19.18
CA ALA B 181 -8.69 2.27 -19.66
C ALA B 181 -7.98 1.14 -20.43
N TRP B 182 -8.13 -0.10 -19.96
CA TRP B 182 -7.52 -1.27 -20.59
C TRP B 182 -8.59 -2.32 -20.77
N GLU B 183 -8.79 -2.77 -22.00
CA GLU B 183 -9.76 -3.82 -22.21
C GLU B 183 -9.24 -5.12 -21.63
N PRO B 184 -10.14 -6.04 -21.24
CA PRO B 184 -9.71 -7.29 -20.58
C PRO B 184 -8.65 -8.07 -21.31
N ASP B 185 -8.66 -8.06 -22.64
CA ASP B 185 -7.72 -8.87 -23.43
C ASP B 185 -6.66 -8.02 -24.12
N ALA B 186 -6.40 -6.80 -23.62
CA ALA B 186 -5.43 -5.93 -24.26
C ALA B 186 -4.02 -6.50 -24.24
N LEU B 187 -3.64 -7.19 -23.16
CA LEU B 187 -2.29 -7.74 -23.07
C LEU B 187 -2.22 -9.08 -23.80
N GLU B 188 -1.31 -9.17 -24.77
CA GLU B 188 -1.11 -10.42 -25.51
C GLU B 188 0.22 -11.07 -25.17
N ARG B 189 1.25 -10.26 -24.95
CA ARG B 189 2.56 -10.70 -24.46
C ARG B 189 3.11 -11.83 -25.32
N ASP B 190 2.98 -11.67 -26.63
CA ASP B 190 3.47 -12.62 -27.61
C ASP B 190 4.81 -12.13 -28.14
N LYS B 191 5.90 -12.81 -27.75
CA LYS B 191 7.24 -12.39 -28.14
C LYS B 191 7.44 -12.44 -29.66
N GLN B 192 6.69 -13.27 -30.37
CA GLN B 192 6.66 -13.26 -31.83
C GLN B 192 5.61 -12.32 -32.40
N GLY B 193 4.82 -11.65 -31.56
CA GLY B 193 3.75 -10.79 -32.04
C GLY B 193 3.75 -9.43 -31.38
N ARG B 194 2.68 -9.09 -30.68
CA ARG B 194 2.57 -7.82 -29.99
C ARG B 194 2.57 -8.02 -28.47
N TYR B 195 3.08 -7.01 -27.75
CA TYR B 195 2.96 -7.01 -26.31
C TYR B 195 1.52 -6.72 -25.89
N ALA B 196 0.94 -5.69 -26.48
CA ALA B 196 -0.45 -5.32 -26.23
C ALA B 196 -1.04 -4.79 -27.51
N ASP B 197 -2.36 -4.88 -27.61
CA ASP B 197 -3.10 -4.37 -28.75
C ASP B 197 -3.39 -2.88 -28.55
N PRO B 198 -2.79 -1.99 -29.36
CA PRO B 198 -3.03 -0.54 -29.17
C PRO B 198 -4.48 -0.13 -29.29
N ALA B 199 -5.28 -0.86 -30.06
CA ALA B 199 -6.70 -0.55 -30.16
C ALA B 199 -7.46 -0.78 -28.86
N LYS B 200 -6.85 -1.45 -27.87
CA LYS B 200 -7.54 -1.83 -26.65
C LYS B 200 -7.03 -1.08 -25.43
N VAL B 201 -6.20 -0.06 -25.63
CA VAL B 201 -5.68 0.77 -24.55
C VAL B 201 -6.19 2.18 -24.82
N HIS B 202 -6.88 2.75 -23.85
CA HIS B 202 -7.66 3.97 -24.07
C HIS B 202 -7.23 5.06 -23.10
N ARG B 203 -7.21 6.29 -23.60
CA ARG B 203 -7.10 7.45 -22.75
C ARG B 203 -8.45 7.69 -22.07
N ILE B 204 -8.44 7.95 -20.78
CA ILE B 204 -9.68 8.35 -20.12
C ILE B 204 -9.68 9.87 -20.03
N ASP B 205 -10.88 10.44 -20.03
CA ASP B 205 -11.05 11.87 -19.78
C ASP B 205 -12.18 12.02 -18.78
N HIS B 206 -11.88 12.60 -17.63
CA HIS B 206 -12.88 12.76 -16.60
C HIS B 206 -12.77 14.16 -16.02
N GLU B 207 -13.90 14.85 -15.94
CA GLU B 207 -13.99 16.22 -15.43
C GLU B 207 -15.25 16.30 -14.59
N GLY B 208 -15.12 16.00 -13.30
CA GLY B 208 -16.25 15.99 -12.40
C GLY B 208 -16.24 17.19 -11.46
N PRO B 209 -17.25 17.28 -10.59
CA PRO B 209 -17.26 18.40 -9.63
C PRO B 209 -16.13 18.35 -8.62
N TYR B 210 -15.56 17.17 -8.38
CA TYR B 210 -14.55 17.01 -7.35
C TYR B 210 -13.24 16.43 -7.84
N PHE B 211 -13.25 15.63 -8.90
CA PHE B 211 -12.02 14.99 -9.36
C PHE B 211 -11.85 15.20 -10.86
N ARG B 212 -10.60 15.15 -11.30
CA ARG B 212 -10.31 15.34 -12.71
C ARG B 212 -9.18 14.40 -13.09
N SER B 213 -9.25 13.84 -14.29
CA SER B 213 -8.16 12.98 -14.74
C SER B 213 -8.18 12.95 -16.26
N ASN B 214 -7.01 13.15 -16.86
CA ASN B 214 -6.85 13.04 -18.30
C ASN B 214 -5.58 12.24 -18.57
N GLY B 215 -5.71 11.13 -19.26
CA GLY B 215 -4.54 10.35 -19.61
C GLY B 215 -4.83 8.88 -19.56
N TYR B 216 -3.76 8.09 -19.40
CA TYR B 216 -3.82 6.64 -19.41
C TYR B 216 -3.80 6.11 -17.98
N GLY B 217 -4.26 4.87 -17.82
CA GLY B 217 -4.22 4.21 -16.54
C GLY B 217 -2.97 3.36 -16.39
N ASN B 218 -2.43 3.34 -15.16
CA ASN B 218 -1.17 2.63 -14.90
C ASN B 218 -1.34 1.11 -14.98
N THR B 219 -2.46 0.58 -14.52
CA THR B 219 -2.63 -0.87 -14.43
C THR B 219 -3.60 -1.37 -15.48
N SER B 220 -3.29 -2.53 -16.05
CA SER B 220 -4.14 -3.14 -17.03
C SER B 220 -5.29 -3.87 -16.33
N TYR B 221 -6.20 -4.42 -17.13
CA TYR B 221 -7.42 -5.01 -16.55
C TYR B 221 -7.07 -6.15 -15.59
N SER B 222 -7.51 -6.02 -14.33
CA SER B 222 -7.17 -6.98 -13.29
C SER B 222 -8.15 -8.15 -13.33
N PRO B 223 -7.86 -9.26 -12.63
CA PRO B 223 -8.72 -10.45 -12.75
C PRO B 223 -10.20 -10.18 -12.47
N GLN B 224 -10.51 -9.36 -11.47
CA GLN B 224 -11.89 -9.01 -11.18
C GLN B 224 -12.33 -7.72 -11.87
N GLY B 225 -11.40 -6.99 -12.49
CA GLY B 225 -11.69 -5.69 -13.05
C GLY B 225 -11.78 -4.62 -11.97
N THR B 226 -12.86 -4.65 -11.23
CA THR B 226 -13.19 -3.80 -10.09
C THR B 226 -13.21 -4.65 -8.83
N PRO B 227 -12.63 -4.20 -7.71
CA PRO B 227 -12.72 -4.98 -6.48
C PRO B 227 -14.18 -5.14 -6.10
N VAL B 228 -14.49 -6.23 -5.37
CA VAL B 228 -15.85 -6.39 -4.85
C VAL B 228 -16.16 -5.21 -3.94
N LEU B 229 -17.31 -4.58 -4.18
CA LEU B 229 -17.65 -3.32 -3.55
C LEU B 229 -18.57 -3.55 -2.35
N PHE B 230 -18.08 -3.19 -1.17
CA PHE B 230 -18.83 -3.30 0.08
C PHE B 230 -19.22 -1.90 0.54
N GLN B 231 -20.37 -1.79 1.21
CA GLN B 231 -20.80 -0.47 1.65
C GLN B 231 -21.69 -0.59 2.88
N ALA B 232 -21.59 0.38 3.76
CA ALA B 232 -22.51 0.51 4.89
C ALA B 232 -22.90 1.98 5.02
N GLY B 233 -24.14 2.22 5.39
CA GLY B 233 -24.59 3.60 5.42
C GLY B 233 -26.09 3.68 5.55
N SER B 234 -26.54 4.20 6.69
CA SER B 234 -27.93 4.04 7.12
C SER B 234 -28.86 5.07 6.48
N SER B 235 -28.37 6.26 6.16
CA SER B 235 -29.24 7.34 5.74
C SER B 235 -29.90 7.01 4.40
N GLU B 236 -30.96 7.76 4.08
CA GLU B 236 -31.60 7.62 2.79
C GLU B 236 -30.61 7.84 1.65
N ARG B 237 -29.73 8.84 1.78
CA ARG B 237 -28.74 9.07 0.73
C ARG B 237 -27.72 7.93 0.68
N GLY B 238 -27.31 7.42 1.84
CA GLY B 238 -26.42 6.26 1.86
C GLY B 238 -27.03 5.01 1.26
N ARG B 239 -28.35 4.83 1.43
CA ARG B 239 -29.01 3.69 0.77
C ARG B 239 -29.07 3.88 -0.73
N GLN B 240 -29.26 5.11 -1.20
CA GLN B 240 -29.21 5.34 -2.64
C GLN B 240 -27.82 5.06 -3.19
N PHE B 241 -26.77 5.47 -2.46
CA PHE B 241 -25.41 5.17 -2.88
C PHE B 241 -25.12 3.67 -2.89
N GLY B 242 -25.48 2.98 -1.81
CA GLY B 242 -25.25 1.54 -1.78
C GLY B 242 -26.02 0.81 -2.86
N GLY B 243 -27.27 1.21 -3.10
CA GLY B 243 -28.09 0.57 -4.13
C GLY B 243 -27.55 0.77 -5.54
N ARG B 244 -26.79 1.84 -5.76
CA ARG B 244 -26.17 2.03 -7.07
C ARG B 244 -24.84 1.31 -7.18
N HIS B 245 -23.97 1.43 -6.18
CA HIS B 245 -22.61 0.93 -6.31
C HIS B 245 -22.35 -0.36 -5.54
N GLY B 246 -23.00 -0.57 -4.39
CA GLY B 246 -22.57 -1.65 -3.52
C GLY B 246 -22.98 -3.01 -4.05
N GLU B 247 -22.06 -3.96 -3.94
CA GLU B 247 -22.37 -5.35 -4.23
C GLU B 247 -22.75 -6.11 -2.98
N CYS B 248 -22.13 -5.75 -1.86
CA CYS B 248 -22.45 -6.35 -0.57
C CYS B 248 -22.66 -5.21 0.43
N ILE B 249 -23.78 -5.25 1.15
CA ILE B 249 -24.16 -4.17 2.06
C ILE B 249 -24.13 -4.69 3.48
N PHE B 250 -23.39 -4.00 4.35
CA PHE B 250 -23.33 -4.34 5.76
C PHE B 250 -24.44 -3.64 6.51
N LEU B 251 -25.21 -4.39 7.28
CA LEU B 251 -26.23 -3.84 8.15
C LEU B 251 -25.80 -4.07 9.59
N GLY B 252 -26.18 -3.14 10.46
CA GLY B 252 -25.86 -3.23 11.85
C GLY B 252 -26.85 -4.09 12.61
N GLY B 253 -26.76 -4.00 13.94
CA GLY B 253 -27.63 -4.77 14.80
C GLY B 253 -29.02 -4.17 14.84
N ALA B 254 -30.02 -5.00 14.57
CA ALA B 254 -31.42 -4.58 14.57
C ALA B 254 -32.27 -5.83 14.67
N PRO B 255 -33.46 -5.73 15.25
CA PRO B 255 -34.34 -6.90 15.30
C PRO B 255 -34.89 -7.15 13.92
N ILE B 256 -35.41 -8.35 13.73
CA ILE B 256 -35.82 -8.84 12.42
C ILE B 256 -36.75 -7.87 11.71
N PRO B 257 -37.77 -7.27 12.35
CA PRO B 257 -38.68 -6.39 11.58
C PRO B 257 -37.99 -5.18 10.96
N LYS B 258 -37.14 -4.48 11.71
CA LYS B 258 -36.41 -3.35 11.12
C LYS B 258 -35.37 -3.84 10.11
N LEU B 259 -34.64 -4.91 10.44
CA LEU B 259 -33.67 -5.46 9.48
C LEU B 259 -34.35 -5.84 8.17
N ALA B 260 -35.53 -6.45 8.25
CA ALA B 260 -36.27 -6.85 7.05
C ALA B 260 -36.69 -5.64 6.22
N GLU B 261 -37.10 -4.56 6.89
CA GLU B 261 -37.47 -3.35 6.17
C GLU B 261 -36.26 -2.72 5.49
N GLN B 262 -35.10 -2.76 6.14
CA GLN B 262 -33.90 -2.19 5.52
C GLN B 262 -33.48 -3.02 4.30
N VAL B 263 -33.60 -4.34 4.38
CA VAL B 263 -33.26 -5.20 3.25
C VAL B 263 -34.14 -4.87 2.05
N ARG B 264 -35.45 -4.71 2.28
CA ARG B 264 -36.38 -4.45 1.18
C ARG B 264 -36.11 -3.09 0.55
N ALA B 265 -35.83 -2.08 1.38
CA ALA B 265 -35.52 -0.74 0.86
C ALA B 265 -34.24 -0.74 0.03
N ILE B 266 -33.22 -1.50 0.45
CA ILE B 266 -31.96 -1.51 -0.29
C ILE B 266 -32.12 -2.27 -1.62
N ARG B 267 -32.88 -3.36 -1.63
CA ARG B 267 -33.15 -4.05 -2.90
C ARG B 267 -33.98 -3.18 -3.84
N ALA B 268 -34.93 -2.40 -3.30
CA ALA B 268 -35.69 -1.47 -4.12
C ALA B 268 -34.79 -0.43 -4.75
N GLU B 269 -33.79 0.06 -4.01
CA GLU B 269 -32.87 1.03 -4.57
C GLU B 269 -32.03 0.40 -5.67
N ALA B 270 -31.58 -0.84 -5.47
CA ALA B 270 -30.83 -1.52 -6.53
C ALA B 270 -31.69 -1.70 -7.78
N VAL B 271 -32.97 -2.05 -7.60
CA VAL B 271 -33.89 -2.19 -8.74
C VAL B 271 -34.05 -0.88 -9.49
N ALA B 272 -34.16 0.23 -8.75
CA ALA B 272 -34.32 1.53 -9.38
C ALA B 272 -33.11 1.91 -10.21
N GLU B 273 -31.95 1.32 -9.94
CA GLU B 273 -30.75 1.55 -10.73
C GLU B 273 -30.58 0.52 -11.84
N GLY B 274 -31.64 -0.21 -12.19
CA GLY B 274 -31.57 -1.19 -13.25
C GLY B 274 -30.87 -2.48 -12.90
N ARG B 275 -30.73 -2.80 -11.62
CA ARG B 275 -30.09 -4.04 -11.19
C ARG B 275 -31.15 -5.06 -10.81
N ALA B 276 -30.79 -6.33 -10.91
CA ALA B 276 -31.66 -7.38 -10.38
C ALA B 276 -31.67 -7.29 -8.85
N ALA B 277 -32.84 -7.55 -8.25
CA ALA B 277 -33.00 -7.38 -6.79
C ALA B 277 -32.10 -8.32 -6.01
N ASP B 278 -31.85 -9.52 -6.53
CA ASP B 278 -31.00 -10.47 -5.83
C ASP B 278 -29.53 -10.31 -6.17
N SER B 279 -29.18 -9.34 -7.01
CA SER B 279 -27.78 -9.15 -7.38
C SER B 279 -27.03 -8.27 -6.39
N ILE B 280 -27.70 -7.79 -5.34
CA ILE B 280 -27.07 -7.08 -4.25
C ILE B 280 -27.23 -7.95 -3.01
N LYS B 281 -26.15 -8.12 -2.25
CA LYS B 281 -26.13 -9.04 -1.13
C LYS B 281 -26.14 -8.26 0.18
N LEU B 282 -26.98 -8.70 1.12
CA LEU B 282 -27.14 -8.05 2.41
C LEU B 282 -26.51 -8.93 3.48
N MET B 283 -25.55 -8.39 4.24
CA MET B 283 -24.87 -9.11 5.31
C MET B 283 -25.06 -8.36 6.62
N ALA B 284 -25.50 -9.07 7.64
CA ALA B 284 -25.73 -8.47 8.95
C ALA B 284 -24.52 -8.71 9.86
N ALA B 285 -24.13 -7.67 10.61
CA ALA B 285 -23.15 -7.86 11.66
C ALA B 285 -23.69 -8.82 12.72
N PHE B 286 -22.82 -9.66 13.25
CA PHE B 286 -23.24 -10.69 14.20
C PHE B 286 -22.10 -11.00 15.15
N SER B 287 -22.40 -11.00 16.44
CA SER B 287 -21.41 -11.31 17.46
C SER B 287 -21.98 -12.39 18.38
N CYS B 288 -21.10 -13.24 18.92
CA CYS B 288 -21.57 -14.32 19.77
C CYS B 288 -20.49 -14.74 20.75
N VAL B 289 -20.93 -15.36 21.84
CA VAL B 289 -20.07 -16.02 22.82
C VAL B 289 -20.61 -17.44 23.01
N ILE B 290 -19.76 -18.45 22.77
CA ILE B 290 -20.18 -19.84 22.69
C ILE B 290 -19.49 -20.64 23.78
N ALA B 291 -20.24 -21.55 24.40
CA ALA B 291 -19.71 -22.48 25.38
C ALA B 291 -20.61 -23.69 25.42
N PRO B 292 -20.12 -24.83 25.92
CA PRO B 292 -20.96 -26.05 25.94
C PRO B 292 -22.33 -25.89 26.59
N THR B 293 -22.42 -25.21 27.73
CA THR B 293 -23.71 -24.97 28.34
C THR B 293 -24.03 -23.48 28.30
N HIS B 294 -25.30 -23.15 28.50
CA HIS B 294 -25.71 -21.75 28.49
C HIS B 294 -25.04 -20.99 29.64
N GLU B 295 -24.95 -21.62 30.80
CA GLU B 295 -24.43 -20.95 31.99
C GLU B 295 -22.93 -20.67 31.86
N GLU B 296 -22.18 -21.61 31.29
CA GLU B 296 -20.76 -21.38 31.02
C GLU B 296 -20.57 -20.25 30.02
N ALA B 297 -21.51 -20.07 29.08
CA ALA B 297 -21.40 -18.99 28.12
C ALA B 297 -21.64 -17.63 28.79
N VAL B 298 -22.63 -17.56 29.66
CA VAL B 298 -22.86 -16.33 30.42
C VAL B 298 -21.60 -15.96 31.20
N GLN B 299 -21.03 -16.94 31.90
CA GLN B 299 -19.80 -16.72 32.66
C GLN B 299 -18.64 -16.36 31.75
N LYS B 300 -18.57 -16.97 30.58
CA LYS B 300 -17.50 -16.66 29.64
C LYS B 300 -17.59 -15.20 29.19
N TYR B 301 -18.81 -14.73 28.90
CA TYR B 301 -19.00 -13.34 28.53
C TYR B 301 -18.66 -12.41 29.68
N GLN B 302 -19.16 -12.72 30.89
CA GLN B 302 -18.89 -11.87 32.05
C GLN B 302 -17.40 -11.63 32.25
N GLU B 303 -16.57 -12.66 32.03
CA GLU B 303 -15.14 -12.50 32.19
C GLU B 303 -14.57 -11.54 31.15
N VAL B 304 -15.14 -11.54 29.94
CA VAL B 304 -14.75 -10.55 28.93
C VAL B 304 -15.06 -9.15 29.42
N LEU B 305 -16.31 -8.92 29.87
CA LEU B 305 -16.69 -7.59 30.37
C LEU B 305 -15.83 -7.19 31.56
N ASP B 306 -15.55 -8.13 32.48
CA ASP B 306 -14.75 -7.80 33.65
C ASP B 306 -13.31 -7.45 33.32
N SER B 307 -12.80 -7.84 32.16
CA SER B 307 -11.42 -7.53 31.81
C SER B 307 -11.24 -6.08 31.37
N GLN B 308 -12.32 -5.35 31.10
CA GLN B 308 -12.23 -3.98 30.63
C GLN B 308 -12.26 -3.02 31.80
N THR B 309 -11.32 -2.09 31.82
CA THR B 309 -11.20 -1.12 32.92
C THR B 309 -12.48 -0.29 33.06
N PRO B 310 -13.00 -0.11 34.28
CA PRO B 310 -14.30 0.58 34.44
C PRO B 310 -14.34 1.99 33.89
N GLU B 311 -13.24 2.75 33.95
CA GLU B 311 -13.29 4.14 33.51
C GLU B 311 -13.27 4.29 31.98
N VAL B 312 -13.09 3.21 31.23
CA VAL B 312 -13.06 3.30 29.77
C VAL B 312 -14.39 3.80 29.23
N ALA B 313 -15.49 3.19 29.67
CA ALA B 313 -16.77 3.33 28.99
C ALA B 313 -17.20 4.80 28.88
N VAL B 314 -17.10 5.54 29.98
CA VAL B 314 -17.56 6.92 29.97
C VAL B 314 -16.66 7.76 29.07
N ALA B 315 -15.39 7.38 28.95
CA ALA B 315 -14.48 8.10 28.06
C ALA B 315 -14.79 7.81 26.59
N SER B 316 -14.92 6.54 26.22
CA SER B 316 -15.20 6.25 24.83
C SER B 316 -16.63 6.63 24.44
N TYR B 317 -17.56 6.67 25.40
CA TYR B 317 -18.90 7.13 25.07
C TYR B 317 -18.87 8.60 24.67
N ALA B 318 -18.13 9.43 25.42
CA ALA B 318 -18.00 10.83 25.06
C ALA B 318 -17.32 10.98 23.70
N TRP B 319 -16.31 10.17 23.43
CA TRP B 319 -15.63 10.24 22.14
C TRP B 319 -16.59 9.90 20.99
N PHE B 320 -17.36 8.81 21.14
CA PHE B 320 -18.20 8.34 20.04
C PHE B 320 -19.47 9.17 19.86
N THR B 321 -20.04 9.72 20.93
CA THR B 321 -21.30 10.44 20.83
C THR B 321 -21.20 11.93 21.11
N GLY B 322 -20.13 12.40 21.72
CA GLY B 322 -20.06 13.78 22.18
C GLY B 322 -20.73 14.04 23.51
N LEU B 323 -21.30 13.03 24.15
CA LEU B 323 -22.01 13.22 25.41
C LEU B 323 -21.10 12.79 26.56
N ASP B 324 -20.76 13.72 27.43
CA ASP B 324 -19.87 13.48 28.56
C ASP B 324 -20.71 13.24 29.80
N LEU B 325 -20.77 11.98 30.24
CA LEU B 325 -21.56 11.60 31.41
C LEU B 325 -20.73 11.50 32.68
N SER B 326 -19.48 11.95 32.65
CA SER B 326 -18.56 11.70 33.74
C SER B 326 -18.95 12.38 35.04
N SER B 327 -19.73 13.46 34.99
CA SER B 327 -20.01 14.24 36.20
C SER B 327 -21.30 13.84 36.92
N TYR B 328 -22.05 12.87 36.41
CA TYR B 328 -23.31 12.45 37.01
C TYR B 328 -23.14 11.12 37.73
N ASP B 329 -23.80 10.99 38.86
CA ASP B 329 -23.76 9.73 39.54
C ASP B 329 -24.53 8.77 38.69
N PRO B 330 -24.28 7.48 38.86
CA PRO B 330 -24.96 6.47 38.03
C PRO B 330 -26.49 6.36 38.13
N SER B 331 -27.13 6.98 39.12
CA SER B 331 -28.55 6.96 39.35
C SER B 331 -29.35 7.85 38.42
N THR B 332 -28.78 8.98 38.02
CA THR B 332 -29.49 9.93 37.18
C THR B 332 -30.02 9.41 35.89
N PRO B 333 -31.25 9.82 35.49
CA PRO B 333 -31.77 9.45 34.16
C PRO B 333 -31.53 10.53 33.11
N MET B 334 -31.49 10.12 31.85
CA MET B 334 -31.00 10.94 30.74
C MET B 334 -32.04 11.89 30.16
N SER B 335 -33.31 11.72 30.49
CA SER B 335 -34.34 12.67 30.06
C SER B 335 -34.53 13.81 31.03
N GLU B 336 -33.72 13.87 32.09
CA GLU B 336 -34.09 14.69 33.23
C GLU B 336 -33.01 15.68 33.66
N LEU B 337 -31.74 15.36 33.45
CA LEU B 337 -30.64 16.21 33.89
C LEU B 337 -29.84 16.74 32.70
N HIS B 338 -29.72 18.08 32.63
CA HIS B 338 -28.68 18.81 31.89
C HIS B 338 -28.69 18.68 30.37
N THR B 339 -27.99 19.63 29.72
CA THR B 339 -27.50 19.58 28.34
C THR B 339 -28.59 19.42 27.28
N GLU B 340 -28.44 20.12 26.16
CA GLU B 340 -29.36 19.95 25.05
C GLU B 340 -29.15 18.61 24.37
N LEU B 341 -30.24 17.91 24.14
CA LEU B 341 -30.29 16.76 23.27
C LEU B 341 -30.96 17.16 21.96
N SER B 342 -30.61 16.48 20.87
CA SER B 342 -31.42 16.61 19.69
C SER B 342 -32.82 16.10 20.02
N GLN B 343 -33.85 16.82 19.57
CA GLN B 343 -35.21 16.35 19.70
C GLN B 343 -35.41 15.00 19.02
N THR B 344 -34.45 14.57 18.19
CA THR B 344 -34.53 13.38 17.36
C THR B 344 -33.98 12.13 18.04
N GLN B 345 -32.73 12.21 18.43
CA GLN B 345 -32.02 11.10 19.02
C GLN B 345 -32.55 10.68 20.38
N VAL B 346 -32.43 11.57 21.33
CA VAL B 346 -32.75 11.21 22.68
C VAL B 346 -34.14 11.11 23.26
N ALA B 347 -34.79 10.06 22.83
CA ALA B 347 -36.06 9.61 23.37
C ALA B 347 -35.74 8.26 24.02
N ARG B 348 -34.90 7.51 23.30
CA ARG B 348 -34.40 6.20 23.66
C ARG B 348 -33.73 6.31 24.98
N PHE B 349 -33.53 7.51 25.48
CA PHE B 349 -32.95 7.56 26.81
C PHE B 349 -33.99 7.50 27.92
N ALA B 350 -35.26 7.33 27.60
CA ALA B 350 -36.31 7.34 28.60
C ALA B 350 -36.34 6.01 29.35
N GLY B 351 -36.40 6.08 30.68
CA GLY B 351 -36.43 4.89 31.49
C GLY B 351 -35.10 4.23 31.71
N LEU B 352 -33.99 4.94 31.48
CA LEU B 352 -32.66 4.43 31.69
C LEU B 352 -31.86 5.44 32.49
N THR B 353 -31.08 4.96 33.44
CA THR B 353 -30.18 5.85 34.14
C THR B 353 -28.86 6.01 33.38
N VAL B 354 -28.05 6.97 33.82
CA VAL B 354 -26.70 7.11 33.29
C VAL B 354 -25.94 5.79 33.42
N GLY B 355 -26.10 5.12 34.56
CA GLY B 355 -25.46 3.83 34.75
C GLY B 355 -25.95 2.77 33.78
N ASP B 356 -27.21 2.89 33.33
CA ASP B 356 -27.73 1.94 32.34
C ASP B 356 -27.07 2.16 30.98
N VAL B 357 -27.02 3.41 30.52
CA VAL B 357 -26.40 3.71 29.23
C VAL B 357 -24.94 3.24 29.24
N LEU B 358 -24.21 3.59 30.28
CA LEU B 358 -22.79 3.25 30.35
C LEU B 358 -22.59 1.74 30.51
N ALA B 359 -23.54 1.04 31.14
CA ALA B 359 -23.42 -0.42 31.24
C ALA B 359 -23.65 -1.09 29.89
N ASP B 360 -24.64 -0.61 29.13
CA ASP B 360 -24.81 -1.11 27.77
C ASP B 360 -23.59 -0.79 26.93
N TRP B 361 -23.10 0.44 27.01
CA TRP B 361 -21.95 0.85 26.20
C TRP B 361 -20.69 0.08 26.59
N HIS B 362 -20.51 -0.17 27.90
CA HIS B 362 -19.39 -0.97 28.39
C HIS B 362 -19.38 -2.36 27.76
N ALA B 363 -20.57 -2.90 27.47
CA ALA B 363 -20.67 -4.28 27.01
C ALA B 363 -20.25 -4.43 25.55
N HIS B 364 -20.67 -3.50 24.68
CA HIS B 364 -20.43 -3.72 23.26
C HIS B 364 -20.09 -2.48 22.44
N GLY B 365 -20.01 -1.28 23.02
CA GLY B 365 -19.72 -0.10 22.22
C GLY B 365 -20.69 0.03 21.05
N VAL B 366 -20.16 0.28 19.85
CA VAL B 366 -21.01 0.36 18.66
C VAL B 366 -21.18 -0.99 17.98
N ARG B 367 -20.62 -2.06 18.52
CA ARG B 367 -20.86 -3.37 17.96
C ARG B 367 -22.24 -3.87 18.36
N THR B 368 -22.65 -4.97 17.74
CA THR B 368 -23.93 -5.56 18.11
C THR B 368 -23.80 -6.27 19.45
N LYS B 369 -24.93 -6.41 20.13
CA LYS B 369 -24.96 -7.18 21.36
C LYS B 369 -24.73 -8.66 21.03
N PRO B 370 -23.84 -9.35 21.72
CA PRO B 370 -23.52 -10.73 21.33
C PRO B 370 -24.64 -11.70 21.69
N VAL B 371 -24.83 -12.69 20.82
CA VAL B 371 -25.67 -13.83 21.16
C VAL B 371 -24.86 -14.77 22.04
N VAL B 372 -25.33 -14.98 23.26
CA VAL B 372 -24.56 -15.69 24.29
C VAL B 372 -25.29 -16.99 24.58
N GLY B 373 -24.63 -18.12 24.34
CA GLY B 373 -25.27 -19.40 24.60
C GLY B 373 -24.50 -20.56 24.02
N THR B 374 -25.23 -21.66 23.81
CA THR B 374 -24.68 -22.90 23.32
C THR B 374 -24.51 -22.83 21.81
N PRO B 375 -23.73 -23.74 21.22
CA PRO B 375 -23.64 -23.76 19.75
C PRO B 375 -24.98 -23.84 19.03
N GLU B 376 -25.90 -24.68 19.51
CA GLU B 376 -27.21 -24.78 18.87
C GLU B 376 -28.03 -23.50 19.06
N GLU B 377 -27.90 -22.84 20.20
CA GLU B 377 -28.61 -21.57 20.39
C GLU B 377 -28.06 -20.48 19.47
N VAL B 378 -26.74 -20.45 19.27
CA VAL B 378 -26.17 -19.45 18.38
C VAL B 378 -26.53 -19.76 16.93
N ALA B 379 -26.49 -21.05 16.55
CA ALA B 379 -26.86 -21.42 15.19
C ALA B 379 -28.32 -21.11 14.91
N ASP B 380 -29.20 -21.34 15.89
CA ASP B 380 -30.60 -21.02 15.72
C ASP B 380 -30.81 -19.51 15.57
N ALA B 381 -30.00 -18.71 16.26
CA ALA B 381 -30.11 -17.27 16.12
C ALA B 381 -29.76 -16.84 14.70
N ILE B 382 -28.71 -17.44 14.14
CA ILE B 382 -28.28 -17.12 12.78
C ILE B 382 -29.38 -17.45 11.78
N VAL B 383 -29.94 -18.66 11.86
CA VAL B 383 -30.95 -19.09 10.88
C VAL B 383 -32.19 -18.21 10.98
N GLU B 384 -32.62 -17.90 12.21
CA GLU B 384 -33.80 -17.05 12.40
C GLU B 384 -33.57 -15.63 11.86
N LEU B 385 -32.37 -15.09 12.02
CA LEU B 385 -32.07 -13.78 11.44
C LEU B 385 -32.12 -13.85 9.91
N ALA B 386 -31.50 -14.87 9.33
CA ALA B 386 -31.42 -14.98 7.88
C ALA B 386 -32.79 -15.16 7.26
N GLU B 387 -33.60 -16.06 7.81
CA GLU B 387 -34.91 -16.30 7.22
C GLU B 387 -35.85 -15.14 7.44
N GLY B 388 -35.74 -14.46 8.59
CA GLY B 388 -36.67 -13.39 8.88
C GLY B 388 -36.38 -12.09 8.16
N ALA B 389 -35.14 -11.86 7.76
CA ALA B 389 -34.74 -10.62 7.12
C ALA B 389 -34.28 -10.78 5.67
N ASP B 390 -34.29 -12.00 5.12
CA ASP B 390 -33.87 -12.22 3.73
C ASP B 390 -32.41 -11.83 3.52
N LEU B 391 -31.56 -12.17 4.50
CA LEU B 391 -30.13 -11.88 4.45
C LEU B 391 -29.39 -12.89 3.59
N ASP B 392 -28.26 -12.46 3.05
CA ASP B 392 -27.39 -13.30 2.26
C ASP B 392 -26.16 -13.78 3.02
N GLY B 393 -25.91 -13.24 4.21
CA GLY B 393 -24.72 -13.62 4.92
C GLY B 393 -24.55 -12.82 6.19
N PHE B 394 -23.40 -13.04 6.84
CA PHE B 394 -23.11 -12.45 8.13
C PHE B 394 -21.65 -12.04 8.20
N LEU B 395 -21.43 -10.88 8.80
CA LEU B 395 -20.10 -10.39 9.15
C LEU B 395 -19.86 -10.69 10.62
N LEU B 396 -19.02 -11.68 10.91
CA LEU B 396 -18.72 -12.04 12.29
C LEU B 396 -17.85 -10.98 12.94
N THR B 397 -18.32 -10.40 14.03
CA THR B 397 -17.52 -9.43 14.77
C THR B 397 -17.09 -10.05 16.09
N PRO B 398 -15.80 -10.36 16.26
CA PRO B 398 -15.38 -11.06 17.47
C PRO B 398 -15.32 -10.15 18.69
N VAL B 399 -15.45 -10.75 19.87
CA VAL B 399 -15.20 -10.00 21.09
C VAL B 399 -13.77 -10.23 21.59
N ILE B 400 -13.21 -11.40 21.34
CA ILE B 400 -11.86 -11.79 21.75
C ILE B 400 -11.23 -12.51 20.57
N GLN B 401 -10.02 -12.09 20.18
CA GLN B 401 -9.30 -12.76 19.09
C GLN B 401 -8.05 -13.49 19.58
N PRO B 402 -7.78 -14.68 19.03
CA PRO B 402 -8.56 -15.31 17.95
C PRO B 402 -9.74 -16.18 18.42
N GLY B 403 -9.99 -16.26 19.72
CA GLY B 403 -10.89 -17.28 20.25
C GLY B 403 -12.32 -17.19 19.73
N SER B 404 -12.84 -15.97 19.57
CA SER B 404 -14.22 -15.84 19.10
C SER B 404 -14.38 -16.42 17.69
N THR B 405 -13.38 -16.22 16.84
CA THR B 405 -13.42 -16.80 15.51
C THR B 405 -13.28 -18.31 15.57
N ILE B 406 -12.34 -18.80 16.38
CA ILE B 406 -12.10 -20.23 16.50
C ILE B 406 -13.37 -20.93 17.01
N ASP B 407 -14.02 -20.34 18.02
CA ASP B 407 -15.21 -20.98 18.59
C ASP B 407 -16.33 -21.07 17.58
N PHE B 408 -16.57 -19.99 16.82
CA PHE B 408 -17.61 -20.04 15.80
C PHE B 408 -17.31 -21.12 14.77
N ILE B 409 -16.06 -21.17 14.30
CA ILE B 409 -15.66 -22.14 13.28
C ILE B 409 -15.76 -23.56 13.80
N GLU B 410 -15.35 -23.79 15.05
CA GLU B 410 -15.27 -25.16 15.53
C GLU B 410 -16.61 -25.71 16.02
N HIS B 411 -17.55 -24.85 16.41
CA HIS B 411 -18.77 -25.33 17.05
C HIS B 411 -20.06 -24.93 16.36
N VAL B 412 -20.10 -23.78 15.69
CA VAL B 412 -21.35 -23.30 15.09
C VAL B 412 -21.38 -23.55 13.58
N LEU B 413 -20.28 -23.23 12.90
CA LEU B 413 -20.21 -23.50 11.46
C LEU B 413 -20.52 -24.94 11.09
N PRO B 414 -20.04 -25.98 11.81
CA PRO B 414 -20.44 -27.35 11.45
C PRO B 414 -21.94 -27.56 11.49
N ILE B 415 -22.64 -26.91 12.43
CA ILE B 415 -24.09 -27.07 12.52
C ILE B 415 -24.77 -26.46 11.30
N LEU B 416 -24.35 -25.23 10.94
CA LEU B 416 -24.92 -24.57 9.77
C LEU B 416 -24.69 -25.39 8.51
N ARG B 417 -23.52 -26.03 8.38
CA ARG B 417 -23.24 -26.84 7.20
C ARG B 417 -24.06 -28.13 7.20
N GLU B 418 -24.20 -28.76 8.37
CA GLU B 418 -25.03 -29.96 8.48
C GLU B 418 -26.49 -29.67 8.13
N ARG B 419 -26.95 -28.45 8.39
CA ARG B 419 -28.31 -28.07 8.06
C ARG B 419 -28.47 -27.58 6.63
N GLY B 420 -27.37 -27.43 5.88
CA GLY B 420 -27.44 -27.04 4.50
C GLY B 420 -27.62 -25.55 4.26
N VAL B 421 -27.43 -24.72 5.28
CA VAL B 421 -27.54 -23.27 5.10
C VAL B 421 -26.17 -22.61 4.88
N ALA B 422 -25.08 -23.37 4.94
CA ALA B 422 -23.76 -22.88 4.57
C ALA B 422 -23.06 -23.94 3.73
N ALA B 423 -22.29 -23.49 2.74
CA ALA B 423 -21.58 -24.41 1.86
C ALA B 423 -20.44 -25.09 2.62
N SER B 424 -20.00 -26.23 2.08
CA SER B 424 -18.99 -27.04 2.76
C SER B 424 -17.60 -26.42 2.67
N GLY B 425 -17.31 -25.67 1.61
CA GLY B 425 -16.00 -25.05 1.48
C GLY B 425 -15.98 -24.06 0.34
N TYR B 426 -14.78 -23.73 -0.12
CA TYR B 426 -14.64 -22.80 -1.24
C TYR B 426 -15.20 -23.42 -2.52
N ASP B 427 -16.07 -22.67 -3.19
CA ASP B 427 -16.70 -23.11 -4.43
C ASP B 427 -16.11 -22.42 -5.66
N ALA B 428 -15.36 -21.35 -5.48
CA ALA B 428 -14.77 -20.62 -6.60
C ALA B 428 -13.52 -19.89 -6.10
N PRO B 429 -12.57 -19.60 -7.00
CA PRO B 429 -11.30 -19.02 -6.55
C PRO B 429 -11.32 -17.52 -6.32
N THR B 430 -12.26 -16.78 -6.90
CA THR B 430 -12.26 -15.33 -6.76
C THR B 430 -13.40 -14.91 -5.84
N LEU B 431 -13.25 -13.73 -5.26
CA LEU B 431 -14.21 -13.25 -4.27
C LEU B 431 -15.56 -12.96 -4.90
N ARG B 432 -15.59 -12.33 -6.08
CA ARG B 432 -16.86 -11.99 -6.71
C ARG B 432 -17.65 -13.24 -7.11
N GLU B 433 -16.97 -14.27 -7.63
CA GLU B 433 -17.66 -15.50 -7.99
C GLU B 433 -18.32 -16.15 -6.78
N ARG B 434 -17.64 -16.12 -5.64
CA ARG B 434 -18.22 -16.73 -4.43
C ARG B 434 -19.38 -15.90 -3.90
N LEU B 435 -19.19 -14.59 -3.80
CA LEU B 435 -20.22 -13.79 -3.12
C LEU B 435 -21.43 -13.52 -4.01
N LEU B 436 -21.22 -13.34 -5.32
CA LEU B 436 -22.29 -12.94 -6.22
C LEU B 436 -22.75 -14.05 -7.14
N GLY B 437 -22.04 -15.18 -7.20
CA GLY B 437 -22.46 -16.25 -8.09
C GLY B 437 -22.30 -15.97 -9.56
N THR B 438 -21.45 -15.00 -9.93
CA THR B 438 -21.21 -14.71 -11.34
C THR B 438 -20.48 -15.90 -12.00
N GLU B 439 -20.54 -15.94 -13.33
CA GLU B 439 -19.86 -17.00 -14.07
C GLU B 439 -18.37 -16.72 -14.28
N THR B 440 -17.98 -15.45 -14.21
CA THR B 440 -16.59 -15.00 -14.29
C THR B 440 -16.38 -14.03 -13.13
N PRO B 441 -15.12 -13.62 -12.89
CA PRO B 441 -14.83 -12.75 -11.73
C PRO B 441 -15.25 -11.29 -11.88
N VAL B 442 -15.72 -10.85 -13.05
CA VAL B 442 -15.88 -9.41 -13.29
C VAL B 442 -17.30 -8.98 -12.92
N LEU B 443 -17.47 -7.67 -12.77
CA LEU B 443 -18.78 -7.12 -12.38
C LEU B 443 -19.88 -7.65 -13.29
N ARG B 444 -21.07 -7.84 -12.70
CA ARG B 444 -22.26 -8.14 -13.48
C ARG B 444 -22.50 -7.06 -14.53
N GLU B 445 -23.02 -7.46 -15.70
CA GLU B 445 -23.36 -6.50 -16.74
C GLU B 445 -24.41 -5.47 -16.31
N ASP B 446 -25.27 -5.78 -15.33
CA ASP B 446 -26.24 -4.79 -14.87
C ASP B 446 -25.72 -3.91 -13.72
N HIS B 447 -24.47 -4.04 -13.36
CA HIS B 447 -23.89 -3.15 -12.38
C HIS B 447 -23.45 -1.85 -13.06
N PRO B 448 -23.70 -0.68 -12.46
CA PRO B 448 -23.28 0.59 -13.09
C PRO B 448 -21.81 0.63 -13.54
N GLY B 449 -20.91 -0.01 -12.78
CA GLY B 449 -19.50 0.03 -13.15
C GLY B 449 -19.24 -0.58 -14.50
N ALA B 450 -20.05 -1.57 -14.91
CA ALA B 450 -19.87 -2.19 -16.21
C ALA B 450 -20.20 -1.24 -17.36
N GLY B 451 -20.98 -0.18 -17.09
CA GLY B 451 -21.27 0.80 -18.13
C GLY B 451 -20.05 1.56 -18.62
N TYR B 452 -18.93 1.49 -17.90
CA TYR B 452 -17.72 2.22 -18.26
C TYR B 452 -16.74 1.36 -19.05
N ARG B 453 -17.08 0.12 -19.35
CA ARG B 453 -16.26 -0.69 -20.23
C ARG B 453 -16.25 -0.09 -21.64
N ALA B 454 -15.13 -0.27 -22.34
CA ALA B 454 -14.92 0.37 -23.63
C ALA B 454 -15.90 -0.15 -24.70
N GLN B 455 -15.66 0.31 -25.93
CA GLN B 455 -16.49 0.12 -27.13
C GLN B 455 -17.66 1.10 -27.16
S SO4 C . 42.40 -14.04 -6.65
O1 SO4 C . 42.98 -15.36 -6.43
O2 SO4 C . 40.94 -14.11 -6.52
O3 SO4 C . 42.94 -13.09 -5.68
O4 SO4 C . 42.71 -13.61 -8.01
S SO4 D . 7.01 9.64 -14.23
O1 SO4 D . 6.26 8.72 -15.10
O2 SO4 D . 6.55 9.56 -12.84
O3 SO4 D . 8.42 9.27 -14.31
O4 SO4 D . 6.79 11.01 -14.71
S SO4 E . 17.27 15.50 -10.36
O1 SO4 E . 17.99 14.50 -11.13
O2 SO4 E . 16.20 14.86 -9.60
O3 SO4 E . 18.22 16.13 -9.44
O4 SO4 E . 16.69 16.50 -11.25
S SO4 F . 20.11 19.54 11.01
O1 SO4 F . 18.67 19.53 10.72
O2 SO4 F . 20.46 18.39 11.83
O3 SO4 F . 20.46 20.78 11.71
O4 SO4 F . 20.84 19.47 9.75
S SO4 G . -24.55 7.42 6.38
O1 SO4 G . -25.38 6.99 5.27
O2 SO4 G . -24.87 6.60 7.55
O3 SO4 G . -23.13 7.27 6.06
O4 SO4 G . -24.82 8.83 6.64
S SO4 H . -12.03 8.26 11.26
O1 SO4 H . -11.35 8.24 12.55
O2 SO4 H . -13.09 7.24 11.26
O3 SO4 H . -11.08 7.98 10.18
O4 SO4 H . -12.65 9.57 11.04
S SO4 I . -2.80 10.32 -27.27
O1 SO4 I . -2.27 9.27 -28.14
O2 SO4 I . -3.92 9.80 -26.51
O3 SO4 I . -1.75 10.78 -26.35
O4 SO4 I . -3.26 11.45 -28.09
#